data_6TKY
#
_entry.id   6TKY
#
_cell.length_a   96.898
_cell.length_b   96.898
_cell.length_c   310.910
_cell.angle_alpha   90.000
_cell.angle_beta   90.000
_cell.angle_gamma   90.000
#
_symmetry.space_group_name_H-M   'P 41 21 2'
#
loop_
_entity.id
_entity.type
_entity.pdbx_description
1 polymer 'Dedicator of cytokinesis protein 10'
2 polymer 'Cell division control protein 42 homolog'
3 polymer 'Dedicator of cytokinesis protein 10'
4 non-polymer GLYCEROL
5 water water
#
loop_
_entity_poly.entity_id
_entity_poly.type
_entity_poly.pdbx_seq_one_letter_code
_entity_poly.pdbx_strand_id
1 'polypeptide(L)'
;STPELRRTWLESMAKIHARNGDLSEAAMCYIHIAALIAEYLKRKGYWKVEKICTASLLSEDTHPCDSNSLLTTPSGGSMF
SMGWPAFLSITPNIKEEGAMKEDSGMQDTPYNENILVEQLYMCVEFLWKSERYELIADVNKPIIAVFEKQRDFKKLSDLY
YDIHRSYLKVAEVVNSEKRLFGRYYRVAFYGQGFFEEEEGKEYIYKEPKLTGLSEISQRLLKLYADKFGADNVKIIQDSN
KVNPKDLDPKYAYIQVTYVTPFFEEKEIEDRKTDFEMHHNINRFVFETPFTLSGKKHGGVAEQCKRRTILTTSHLFPYVK
KRIQVISQSSTELNPIEVAIDEMSKKVSELNQLCTMEEVDMIRLQLKLQGSVSVKVNAGPMAYARAFLEETNAKKYPDNQ
VKLLKEIFRQFADACGQALDVNERLIKEDQLEYQEELRSHYKDMLSELSTVMNEQIT
;
B
2 'polypeptide(L)'
;MQTIKCVVVGDGAVGKTCLLISYTTNKFPSEYVPTVFDNYAVTVMIGGEPYTLGLFDTAGQEDYDRLRPLSYPQTDVFLV
CFSVVSPSSFENVKEKWVPEITHHCPKTPFLLVGTQIDLRDDPSTIEKLAKNKQKPITPETAEKLARDLKAVKYVECSAL
TQKGLKNVFDEAILAALEPPEPKKSRRC
;
C,D
3 'polypeptide(L)'
;STPELRRTWLESMAKIHARNGDLSEAAMCYIHIAALIAEYLKRKGYWKVEKICTASLLSEDTHPCDSNSLLTTPSGGSMF
SMGWPAFLSITPNIKEEGAMKEDSGMQDTPYNENILVEQLYMCVEFLWKSERYELIADVNKPIIAVFEKQRDFKKLSDLY
YDIHRSYLKVAEVVNSEKRLFGRYYRVAFYGQGFFEEEEGKEYIYKEPKLTGLSEISQRLLKLYADKFGADNVKIIQDSN
KVNPKDLDPKYAYIQVTYVTPFFEEKEIEDRKTDFEMHHNINRFVFETPFTLSGKKHGGVAEQCKRRTILTTSHLFPYVK
KRIQVISQSSTELNPIEVAIDEMSKKVSELNQLCTMEEVDMIRLQLKLQGSVSVKVNAGPMAYARAFLEETNAKKYPDNQ
VKLLKEIFRQFADACGQALDVNERLIKEDQLEYQEELRSHYKDMLSELSTVMNEQITG
;
A
#
loop_
_chem_comp.id
_chem_comp.type
_chem_comp.name
_chem_comp.formula
GOL non-polymer GLYCEROL 'C3 H8 O3'
#
# COMPACT_ATOMS: atom_id res chain seq x y z
N SER A 1 -21.03 25.75 4.72
CA SER A 1 -22.11 25.36 3.82
C SER A 1 -23.19 26.45 3.74
N THR A 2 -23.07 27.50 4.59
CA THR A 2 -23.96 28.66 4.39
C THR A 2 -23.19 29.82 3.77
N PRO A 3 -23.70 30.43 2.69
CA PRO A 3 -22.82 31.23 1.83
C PRO A 3 -22.06 32.32 2.58
N GLU A 4 -22.74 33.18 3.35
CA GLU A 4 -22.03 34.31 3.93
C GLU A 4 -21.02 33.86 4.98
N LEU A 5 -21.29 32.77 5.70
CA LEU A 5 -20.33 32.30 6.68
C LEU A 5 -19.09 31.73 6.00
N ARG A 6 -19.28 30.95 4.92
CA ARG A 6 -18.17 30.41 4.16
C ARG A 6 -17.34 31.52 3.53
N ARG A 7 -18.01 32.52 2.97
CA ARG A 7 -17.32 33.60 2.26
C ARG A 7 -16.51 34.47 3.22
N THR A 8 -17.08 34.78 4.39
CA THR A 8 -16.34 35.51 5.42
C THR A 8 -15.10 34.75 5.85
N TRP A 9 -15.24 33.45 6.10
CA TRP A 9 -14.11 32.62 6.52
C TRP A 9 -13.02 32.63 5.45
N LEU A 10 -13.41 32.41 4.18
CA LEU A 10 -12.43 32.37 3.09
C LEU A 10 -11.66 33.68 3.00
N GLU A 11 -12.33 34.82 3.22
CA GLU A 11 -11.64 36.10 3.13
C GLU A 11 -10.66 36.29 4.27
N SER A 12 -11.06 35.94 5.49
CA SER A 12 -10.17 36.03 6.65
C SER A 12 -9.01 35.05 6.54
N MET A 13 -9.27 33.85 6.03
CA MET A 13 -8.16 32.94 5.76
C MET A 13 -7.21 33.56 4.73
N ALA A 14 -7.76 34.18 3.69
CA ALA A 14 -6.90 34.84 2.70
C ALA A 14 -6.02 35.92 3.35
N LYS A 15 -6.62 36.76 4.21
CA LYS A 15 -5.85 37.80 4.89
C LYS A 15 -4.76 37.22 5.79
N ILE A 16 -5.09 36.15 6.52
CA ILE A 16 -4.11 35.47 7.35
C ILE A 16 -2.98 34.91 6.50
N HIS A 17 -3.33 34.19 5.43
CA HIS A 17 -2.32 33.61 4.57
C HIS A 17 -1.38 34.69 4.03
N ALA A 18 -1.95 35.86 3.69
CA ALA A 18 -1.14 36.93 3.14
C ALA A 18 -0.14 37.43 4.17
N ARG A 19 -0.59 37.63 5.42
CA ARG A 19 0.34 38.01 6.49
C ARG A 19 1.40 36.95 6.72
N ASN A 20 1.01 35.67 6.67
CA ASN A 20 1.98 34.62 6.91
C ASN A 20 2.90 34.36 5.73
N GLY A 21 2.60 34.94 4.57
CA GLY A 21 3.37 34.64 3.37
C GLY A 21 2.99 33.38 2.64
N ASP A 22 1.89 32.72 3.02
CA ASP A 22 1.41 31.56 2.27
C ASP A 22 0.57 32.11 1.12
N LEU A 23 1.25 32.56 0.08
CA LEU A 23 0.58 33.37 -0.92
C LEU A 23 -0.25 32.51 -1.87
N SER A 24 0.17 31.26 -2.14
CA SER A 24 -0.67 30.34 -2.91
C SER A 24 -1.99 30.09 -2.20
N GLU A 25 -1.96 29.98 -0.87
CA GLU A 25 -3.20 29.69 -0.17
C GLU A 25 -4.14 30.87 -0.24
N ALA A 26 -3.60 32.09 -0.14
CA ALA A 26 -4.41 33.28 -0.35
C ALA A 26 -5.06 33.27 -1.73
N ALA A 27 -4.26 33.00 -2.76
CA ALA A 27 -4.81 32.92 -4.11
C ALA A 27 -5.91 31.87 -4.22
N MET A 28 -5.74 30.70 -3.60
CA MET A 28 -6.81 29.70 -3.62
C MET A 28 -8.04 30.17 -2.86
N CYS A 29 -7.88 30.98 -1.81
CA CYS A 29 -9.04 31.53 -1.13
C CYS A 29 -9.90 32.38 -2.06
N TYR A 30 -9.26 33.20 -2.89
CA TYR A 30 -10.02 34.10 -3.75
C TYR A 30 -10.69 33.35 -4.89
N ILE A 31 -10.05 32.29 -5.41
CA ILE A 31 -10.74 31.51 -6.43
C ILE A 31 -11.92 30.75 -5.82
N HIS A 32 -11.84 30.35 -4.55
CA HIS A 32 -12.98 29.67 -3.95
C HIS A 32 -14.12 30.65 -3.67
N ILE A 33 -13.80 31.90 -3.32
CA ILE A 33 -14.83 32.93 -3.19
C ILE A 33 -15.48 33.22 -4.53
N ALA A 34 -14.67 33.40 -5.57
CA ALA A 34 -15.21 33.64 -6.91
C ALA A 34 -16.10 32.47 -7.37
N ALA A 35 -15.67 31.23 -7.12
CA ALA A 35 -16.52 30.09 -7.45
C ALA A 35 -17.78 30.07 -6.58
N LEU A 36 -17.67 30.49 -5.32
CA LEU A 36 -18.85 30.59 -4.45
C LEU A 36 -19.84 31.60 -4.99
N ILE A 37 -19.35 32.78 -5.37
CA ILE A 37 -20.23 33.82 -5.88
C ILE A 37 -20.87 33.37 -7.18
N ALA A 38 -20.10 32.68 -8.03
CA ALA A 38 -20.64 32.24 -9.32
C ALA A 38 -21.73 31.18 -9.14
N GLU A 39 -21.56 30.26 -8.19
CA GLU A 39 -22.61 29.27 -7.97
C GLU A 39 -23.83 29.89 -7.31
N TYR A 40 -23.61 30.78 -6.33
CA TYR A 40 -24.72 31.51 -5.73
C TYR A 40 -25.46 32.34 -6.78
N LEU A 41 -24.72 33.14 -7.56
CA LEU A 41 -25.35 33.92 -8.61
C LEU A 41 -26.04 33.04 -9.64
N LYS A 42 -25.57 31.81 -9.84
CA LYS A 42 -26.29 30.93 -10.76
C LYS A 42 -27.56 30.40 -10.12
N ARG A 43 -27.45 29.89 -8.90
CA ARG A 43 -28.59 29.26 -8.24
C ARG A 43 -29.77 30.22 -8.16
N LYS A 44 -29.50 31.50 -7.95
CA LYS A 44 -30.50 32.56 -8.06
C LYS A 44 -30.35 33.15 -9.46
N GLY A 45 -31.27 32.80 -10.35
CA GLY A 45 -31.27 33.28 -11.72
C GLY A 45 -30.65 34.65 -11.92
N TYR A 46 -29.42 34.65 -12.41
CA TYR A 46 -28.70 35.88 -12.73
C TYR A 46 -28.03 35.81 -14.11
N TRP A 47 -27.79 34.60 -14.63
CA TRP A 47 -27.04 34.36 -15.86
C TRP A 47 -25.63 34.97 -15.76
N PHE A 80 -18.56 33.05 -15.53
CA PHE A 80 -19.36 32.20 -16.41
C PHE A 80 -20.63 31.75 -15.71
N SER A 81 -21.60 31.34 -16.53
CA SER A 81 -22.94 30.98 -16.10
C SER A 81 -23.03 29.57 -15.50
N MET A 82 -21.94 28.81 -15.51
CA MET A 82 -22.02 27.42 -15.08
C MET A 82 -22.04 27.28 -13.57
N GLY A 83 -21.70 28.33 -12.83
CA GLY A 83 -21.54 28.24 -11.38
C GLY A 83 -20.11 27.93 -11.02
N TRP A 84 -19.87 27.18 -9.94
CA TRP A 84 -18.48 26.88 -9.58
C TRP A 84 -17.69 26.13 -10.65
N PRO A 85 -18.28 25.28 -11.53
CA PRO A 85 -17.47 24.65 -12.59
C PRO A 85 -16.70 25.62 -13.46
N ALA A 86 -16.96 26.92 -13.35
CA ALA A 86 -16.27 27.89 -14.20
C ALA A 86 -14.76 27.94 -13.94
N PHE A 87 -14.30 27.45 -12.80
CA PHE A 87 -12.90 27.62 -12.41
C PHE A 87 -12.23 26.29 -12.15
N LEU A 88 -12.67 25.25 -12.85
CA LEU A 88 -12.06 23.94 -12.69
C LEU A 88 -10.66 23.89 -13.31
N SER A 89 -10.41 24.71 -14.34
CA SER A 89 -9.08 24.79 -14.92
C SER A 89 -8.07 25.27 -13.91
N ILE A 90 -8.52 25.95 -12.86
CA ILE A 90 -7.59 26.40 -11.83
C ILE A 90 -7.37 25.29 -10.79
N THR A 91 -8.45 24.73 -10.25
CA THR A 91 -8.25 23.69 -9.26
C THR A 91 -9.53 22.89 -9.10
N PRO A 92 -9.44 21.57 -8.91
CA PRO A 92 -10.65 20.77 -8.71
C PRO A 92 -11.24 20.92 -7.34
N ASN A 93 -10.50 21.48 -6.38
CA ASN A 93 -11.00 21.65 -5.03
C ASN A 93 -12.27 22.50 -4.97
N ILE A 94 -12.53 23.36 -5.97
CA ILE A 94 -13.69 24.24 -5.88
C ILE A 94 -15.00 23.47 -6.02
N LYS A 95 -14.95 22.19 -6.38
CA LYS A 95 -16.13 21.33 -6.34
C LYS A 95 -16.84 21.40 -4.98
N GLU A 96 -16.11 21.62 -3.89
CA GLU A 96 -16.75 21.64 -2.59
C GLU A 96 -17.59 22.90 -2.36
N GLU A 97 -17.37 23.98 -3.11
CA GLU A 97 -18.28 25.12 -3.02
C GLU A 97 -19.70 24.79 -3.47
N GLY A 98 -19.92 23.68 -4.20
CA GLY A 98 -21.25 23.31 -4.62
C GLY A 98 -22.14 22.72 -3.54
N ALA A 99 -21.70 22.69 -2.29
CA ALA A 99 -22.50 22.24 -1.16
C ALA A 99 -22.94 23.44 -0.33
N MET A 100 -23.69 24.33 -0.95
CA MET A 100 -24.09 25.59 -0.39
C MET A 100 -25.53 25.49 0.12
N LYS A 101 -25.88 26.37 1.08
CA LYS A 101 -27.26 26.55 1.51
C LYS A 101 -27.79 27.93 1.12
N TYR A 111 -23.43 40.41 -3.45
CA TYR A 111 -22.94 39.49 -4.49
C TYR A 111 -23.49 39.87 -5.87
N ASN A 112 -22.68 40.53 -6.70
CA ASN A 112 -23.03 40.83 -8.07
C ASN A 112 -21.87 40.45 -9.00
N GLU A 113 -22.04 40.74 -10.29
CA GLU A 113 -21.00 40.41 -11.25
C GLU A 113 -19.73 41.22 -11.01
N ASN A 114 -19.85 42.47 -10.53
CA ASN A 114 -18.66 43.30 -10.37
C ASN A 114 -17.76 42.79 -9.25
N ILE A 115 -18.35 42.29 -8.15
CA ILE A 115 -17.52 41.84 -7.04
C ILE A 115 -16.92 40.46 -7.34
N LEU A 116 -17.58 39.65 -8.17
CA LEU A 116 -16.96 38.42 -8.65
C LEU A 116 -15.68 38.74 -9.41
N VAL A 117 -15.73 39.73 -10.30
CA VAL A 117 -14.53 40.16 -11.02
C VAL A 117 -13.49 40.68 -10.05
N GLU A 118 -13.92 41.21 -8.90
CA GLU A 118 -12.94 41.75 -7.96
C GLU A 118 -12.27 40.64 -7.16
N GLN A 119 -12.96 39.52 -6.93
CA GLN A 119 -12.28 38.38 -6.31
C GLN A 119 -11.24 37.79 -7.25
N LEU A 120 -11.50 37.81 -8.56
CA LEU A 120 -10.52 37.31 -9.51
C LEU A 120 -9.33 38.26 -9.63
N TYR A 121 -9.57 39.58 -9.51
CA TYR A 121 -8.44 40.50 -9.42
C TYR A 121 -7.58 40.13 -8.23
N MET A 122 -8.20 39.95 -7.05
CA MET A 122 -7.49 39.45 -5.88
C MET A 122 -6.73 38.17 -6.18
N CYS A 123 -7.42 37.21 -6.80
CA CYS A 123 -6.79 35.93 -7.11
C CYS A 123 -5.55 36.10 -7.97
N VAL A 124 -5.64 36.94 -9.03
CA VAL A 124 -4.49 37.14 -9.91
C VAL A 124 -3.35 37.79 -9.13
N GLU A 125 -3.69 38.71 -8.22
CA GLU A 125 -2.67 39.40 -7.45
C GLU A 125 -1.77 38.41 -6.71
N PHE A 126 -2.38 37.45 -5.99
CA PHE A 126 -1.59 36.50 -5.22
C PHE A 126 -1.02 35.37 -6.07
N LEU A 127 -1.62 35.07 -7.22
CA LEU A 127 -0.96 34.17 -8.16
C LEU A 127 0.36 34.76 -8.65
N TRP A 128 0.37 36.07 -8.92
CA TRP A 128 1.63 36.77 -9.20
C TRP A 128 2.63 36.54 -8.08
N LYS A 129 2.27 36.96 -6.86
CA LYS A 129 3.24 36.95 -5.75
C LYS A 129 3.71 35.54 -5.42
N SER A 130 2.86 34.53 -5.57
CA SER A 130 3.19 33.14 -5.27
C SER A 130 3.92 32.43 -6.39
N GLU A 131 4.16 33.10 -7.53
CA GLU A 131 4.90 32.61 -8.69
C GLU A 131 4.19 31.47 -9.43
N ARG A 132 2.88 31.30 -9.26
CA ARG A 132 2.11 30.36 -10.07
C ARG A 132 1.58 31.08 -11.32
N TYR A 133 2.53 31.51 -12.17
CA TYR A 133 2.18 32.39 -13.30
C TYR A 133 1.33 31.68 -14.35
N GLU A 134 1.52 30.37 -14.52
CA GLU A 134 0.81 29.60 -15.54
C GLU A 134 -0.71 29.64 -15.36
N LEU A 135 -1.21 30.02 -14.18
CA LEU A 135 -2.64 30.06 -13.88
C LEU A 135 -3.28 31.40 -14.19
N ILE A 136 -2.49 32.46 -14.31
CA ILE A 136 -3.04 33.81 -14.46
C ILE A 136 -3.92 33.90 -15.72
N ALA A 137 -3.54 33.16 -16.78
CA ALA A 137 -4.31 33.18 -18.02
C ALA A 137 -5.74 32.68 -17.81
N ASP A 138 -5.88 31.48 -17.24
CA ASP A 138 -7.20 30.91 -16.99
C ASP A 138 -8.04 31.80 -16.09
N VAL A 139 -7.41 32.54 -15.18
CA VAL A 139 -8.18 33.42 -14.30
C VAL A 139 -8.59 34.70 -15.04
N ASN A 140 -7.80 35.14 -16.01
CA ASN A 140 -8.13 36.37 -16.74
C ASN A 140 -9.08 36.14 -17.90
N LYS A 141 -9.18 34.91 -18.41
CA LYS A 141 -10.08 34.62 -19.52
C LYS A 141 -11.52 35.00 -19.20
N PRO A 142 -12.09 34.64 -18.06
CA PRO A 142 -13.44 35.11 -17.77
C PRO A 142 -13.54 36.61 -17.69
N ILE A 143 -12.53 37.29 -17.11
CA ILE A 143 -12.59 38.75 -17.01
C ILE A 143 -12.61 39.38 -18.41
N ILE A 144 -11.81 38.81 -19.33
CA ILE A 144 -11.75 39.35 -20.70
C ILE A 144 -13.12 39.27 -21.35
N ALA A 145 -13.82 38.15 -21.11
CA ALA A 145 -15.17 38.01 -21.64
C ALA A 145 -16.07 39.16 -21.20
N VAL A 146 -15.95 39.59 -19.94
CA VAL A 146 -16.79 40.67 -19.46
C VAL A 146 -16.55 41.94 -20.26
N PHE A 147 -15.29 42.31 -20.44
CA PHE A 147 -14.98 43.59 -21.06
C PHE A 147 -15.08 43.56 -22.58
N GLU A 148 -15.05 42.38 -23.20
CA GLU A 148 -15.42 42.29 -24.61
C GLU A 148 -16.83 42.86 -24.82
N LYS A 149 -17.77 42.47 -23.96
CA LYS A 149 -19.12 42.99 -24.08
C LYS A 149 -19.17 44.49 -23.85
N GLN A 150 -18.32 45.03 -22.98
CA GLN A 150 -18.35 46.46 -22.71
C GLN A 150 -17.64 47.29 -23.77
N ARG A 151 -16.94 46.67 -24.72
CA ARG A 151 -16.08 47.38 -25.68
C ARG A 151 -15.04 48.26 -24.99
N ASP A 152 -14.57 47.83 -23.81
CA ASP A 152 -13.53 48.55 -23.07
C ASP A 152 -12.16 48.13 -23.60
N PHE A 153 -11.70 48.81 -24.65
CA PHE A 153 -10.51 48.32 -25.35
C PHE A 153 -9.24 48.52 -24.53
N LYS A 154 -9.15 49.61 -23.74
CA LYS A 154 -7.98 49.81 -22.90
C LYS A 154 -7.88 48.72 -21.82
N LYS A 155 -9.01 48.38 -21.22
CA LYS A 155 -9.02 47.26 -20.27
C LYS A 155 -8.63 45.96 -20.96
N LEU A 156 -9.13 45.73 -22.19
CA LEU A 156 -8.75 44.52 -22.92
C LEU A 156 -7.25 44.51 -23.19
N SER A 157 -6.68 45.67 -23.53
CA SER A 157 -5.23 45.76 -23.73
C SER A 157 -4.49 45.42 -22.44
N ASP A 158 -4.92 46.03 -21.32
CA ASP A 158 -4.33 45.72 -20.02
C ASP A 158 -4.35 44.21 -19.73
N LEU A 159 -5.53 43.58 -19.85
CA LEU A 159 -5.69 42.19 -19.44
C LEU A 159 -4.84 41.25 -20.30
N TYR A 160 -4.89 41.41 -21.63
CA TYR A 160 -4.05 40.59 -22.49
C TYR A 160 -2.58 40.82 -22.21
N TYR A 161 -2.23 42.06 -21.85
CA TYR A 161 -0.84 42.40 -21.52
C TYR A 161 -0.36 41.67 -20.27
N ASP A 162 -1.18 41.69 -19.20
CA ASP A 162 -0.93 40.89 -18.00
C ASP A 162 -0.69 39.42 -18.33
N ILE A 163 -1.58 38.81 -19.11
CA ILE A 163 -1.37 37.41 -19.46
C ILE A 163 -0.08 37.26 -20.25
N HIS A 164 0.21 38.20 -21.16
CA HIS A 164 1.49 38.15 -21.86
C HIS A 164 2.64 38.18 -20.86
N ARG A 165 2.57 39.09 -19.89
CA ARG A 165 3.61 39.20 -18.89
C ARG A 165 3.74 37.93 -18.07
N SER A 166 2.61 37.29 -17.75
CA SER A 166 2.68 36.07 -16.97
C SER A 166 3.42 34.97 -17.75
N TYR A 167 3.14 34.83 -19.04
CA TYR A 167 3.84 33.78 -19.80
C TYR A 167 5.28 34.16 -20.07
N LEU A 168 5.57 35.46 -20.19
CA LEU A 168 6.96 35.90 -20.30
C LEU A 168 7.76 35.47 -19.07
N LYS A 169 7.18 35.68 -17.88
CA LYS A 169 7.80 35.21 -16.65
C LYS A 169 8.05 33.70 -16.68
N VAL A 170 7.05 32.92 -17.10
CA VAL A 170 7.25 31.46 -17.16
C VAL A 170 8.42 31.13 -18.08
N ALA A 171 8.39 31.68 -19.30
CA ALA A 171 9.47 31.41 -20.26
C ALA A 171 10.85 31.68 -19.68
N GLU A 172 11.00 32.71 -18.85
CA GLU A 172 12.32 33.09 -18.38
C GLU A 172 12.69 32.51 -17.02
N VAL A 173 11.88 31.60 -16.47
CA VAL A 173 12.08 31.15 -15.10
C VAL A 173 11.79 29.66 -14.98
N VAL A 174 10.92 29.14 -15.85
CA VAL A 174 10.50 27.75 -15.78
C VAL A 174 11.71 26.84 -15.73
N ASN A 175 11.59 25.75 -14.97
CA ASN A 175 12.57 24.66 -15.00
C ASN A 175 14.00 25.16 -14.75
N SER A 176 14.13 26.14 -13.85
CA SER A 176 15.44 26.70 -13.49
C SER A 176 15.73 26.62 -11.99
N GLU A 177 14.94 25.87 -11.23
CA GLU A 177 15.10 25.74 -9.77
C GLU A 177 15.17 27.10 -9.08
N LYS A 178 14.58 28.12 -9.70
CA LYS A 178 14.53 29.45 -9.11
C LYS A 178 13.28 29.65 -8.27
N ARG A 179 12.21 28.91 -8.56
CA ARG A 179 10.94 29.03 -7.85
C ARG A 179 10.89 28.00 -6.72
N LEU A 180 10.57 28.47 -5.51
CA LEU A 180 10.55 27.61 -4.32
C LEU A 180 9.09 27.50 -3.89
N PHE A 181 8.43 26.45 -4.39
CA PHE A 181 7.02 26.28 -4.17
C PHE A 181 6.70 25.67 -2.80
N GLY A 182 7.68 25.07 -2.13
CA GLY A 182 7.50 24.54 -0.79
C GLY A 182 8.12 23.17 -0.53
N ARG A 183 8.29 22.85 0.76
CA ARG A 183 8.64 21.52 1.25
C ARG A 183 7.46 20.92 2.03
N TYR A 184 7.28 19.61 1.92
CA TYR A 184 6.12 18.92 2.48
C TYR A 184 6.52 17.98 3.63
N TYR A 185 5.66 17.91 4.66
CA TYR A 185 5.89 17.12 5.88
C TYR A 185 4.62 16.42 6.32
N ARG A 186 4.71 15.10 6.51
CA ARG A 186 3.68 14.37 7.23
C ARG A 186 3.76 14.74 8.70
N VAL A 187 2.62 15.14 9.29
CA VAL A 187 2.53 15.49 10.71
C VAL A 187 1.33 14.75 11.30
N ALA A 188 1.57 13.95 12.32
CA ALA A 188 0.52 13.19 12.99
C ALA A 188 0.50 13.52 14.47
N PHE A 189 -0.72 13.65 15.02
CA PHE A 189 -0.94 14.06 16.41
C PHE A 189 -1.51 12.90 17.21
N TYR A 190 -0.94 12.65 18.40
CA TYR A 190 -1.43 11.60 19.28
C TYR A 190 -1.44 12.13 20.71
N GLY A 191 -2.57 11.92 21.39
CA GLY A 191 -2.74 12.38 22.76
C GLY A 191 -4.20 12.65 23.07
N GLN A 192 -4.92 11.59 23.44
CA GLN A 192 -6.37 11.69 23.63
C GLN A 192 -6.73 12.76 24.66
N GLY A 193 -5.98 12.83 25.75
CA GLY A 193 -6.25 13.85 26.74
C GLY A 193 -5.81 15.25 26.37
N PHE A 194 -5.20 15.43 25.20
CA PHE A 194 -4.64 16.72 24.83
C PHE A 194 -5.27 17.28 23.56
N PHE A 195 -5.23 16.55 22.46
CA PHE A 195 -5.50 17.12 21.16
C PHE A 195 -6.99 17.16 20.86
N GLU A 196 -7.43 18.28 20.29
CA GLU A 196 -8.84 18.49 19.97
C GLU A 196 -9.22 17.79 18.67
N GLU A 197 -9.36 18.56 17.58
CA GLU A 197 -9.76 18.00 16.29
C GLU A 197 -8.63 17.24 15.61
N GLU A 198 -7.38 17.46 16.02
CA GLU A 198 -6.25 16.78 15.42
C GLU A 198 -5.94 15.41 16.02
N GLU A 199 -6.61 15.02 17.12
CA GLU A 199 -6.20 13.82 17.82
C GLU A 199 -6.33 12.61 16.90
N GLY A 200 -5.23 11.84 16.79
CA GLY A 200 -5.20 10.66 15.95
C GLY A 200 -5.21 10.91 14.47
N LYS A 201 -4.90 12.13 14.01
CA LYS A 201 -5.01 12.47 12.59
C LYS A 201 -3.65 12.80 11.97
N GLU A 202 -3.53 12.44 10.69
CA GLU A 202 -2.32 12.61 9.89
C GLU A 202 -2.55 13.67 8.82
N TYR A 203 -1.63 14.65 8.74
CA TYR A 203 -1.68 15.72 7.76
C TYR A 203 -0.41 15.75 6.94
N ILE A 204 -0.52 16.29 5.73
CA ILE A 204 0.62 16.85 5.01
C ILE A 204 0.63 18.36 5.28
N TYR A 205 1.74 18.87 5.78
CA TYR A 205 1.97 20.30 5.95
C TYR A 205 2.81 20.84 4.80
N LYS A 206 2.28 21.83 4.07
CA LYS A 206 3.02 22.52 3.03
C LYS A 206 3.74 23.71 3.66
N GLU A 207 5.06 23.66 3.69
CA GLU A 207 5.84 24.67 4.36
C GLU A 207 6.49 25.58 3.33
N PRO A 208 6.86 26.80 3.71
CA PRO A 208 7.40 27.73 2.71
C PRO A 208 8.82 27.39 2.29
N LYS A 209 9.09 27.61 1.01
CA LYS A 209 10.44 27.62 0.45
C LYS A 209 11.25 26.39 0.81
N LEU A 210 12.35 26.56 1.53
CA LEU A 210 13.23 25.44 1.81
C LEU A 210 13.18 24.99 3.27
N THR A 211 12.08 25.26 3.97
CA THR A 211 11.93 24.91 5.38
C THR A 211 12.43 23.51 5.68
N GLY A 212 13.38 23.40 6.61
CA GLY A 212 14.00 22.13 6.94
C GLY A 212 13.34 21.48 8.13
N LEU A 213 13.81 20.25 8.43
CA LEU A 213 13.19 19.44 9.47
C LEU A 213 13.25 20.13 10.83
N SER A 214 14.41 20.68 11.18
CA SER A 214 14.51 21.39 12.46
C SER A 214 13.53 22.55 12.53
N GLU A 215 13.26 23.25 11.41
CA GLU A 215 12.41 24.44 11.52
C GLU A 215 10.97 24.06 11.87
N ILE A 216 10.36 23.17 11.08
CA ILE A 216 8.95 22.83 11.35
C ILE A 216 8.83 22.09 12.66
N SER A 217 9.82 21.24 12.99
CA SER A 217 9.80 20.51 14.25
C SER A 217 9.75 21.46 15.43
N GLN A 218 10.71 22.40 15.51
CA GLN A 218 10.71 23.29 16.67
C GLN A 218 9.48 24.19 16.67
N ARG A 219 8.99 24.56 15.49
CA ARG A 219 7.82 25.45 15.45
C ARG A 219 6.57 24.72 15.93
N LEU A 220 6.34 23.50 15.43
CA LEU A 220 5.23 22.70 15.94
C LEU A 220 5.39 22.40 17.42
N LEU A 221 6.62 22.14 17.87
CA LEU A 221 6.84 21.84 19.28
C LEU A 221 6.55 23.05 20.14
N LYS A 222 7.02 24.23 19.72
CA LYS A 222 6.75 25.47 20.43
C LYS A 222 5.25 25.71 20.57
N LEU A 223 4.51 25.64 19.46
CA LEU A 223 3.08 25.97 19.47
C LEU A 223 2.31 25.06 20.43
N TYR A 224 2.55 23.75 20.35
CA TYR A 224 1.79 22.82 21.19
C TYR A 224 2.36 22.68 22.59
N ALA A 225 3.64 23.05 22.80
CA ALA A 225 4.15 23.12 24.17
C ALA A 225 3.45 24.21 24.96
N ASP A 226 3.10 25.32 24.32
CA ASP A 226 2.49 26.42 25.05
C ASP A 226 1.04 26.11 25.43
N LYS A 227 0.32 25.38 24.59
CA LYS A 227 -1.06 25.05 24.91
C LYS A 227 -1.18 23.87 25.86
N PHE A 228 -0.16 23.00 25.94
CA PHE A 228 -0.22 21.80 26.77
C PHE A 228 0.82 21.76 27.88
N GLY A 229 1.68 22.78 27.99
CA GLY A 229 2.78 22.67 28.91
C GLY A 229 3.91 21.91 28.28
N ALA A 230 5.09 22.55 28.17
CA ALA A 230 6.21 22.00 27.43
C ALA A 230 6.61 20.61 27.93
N ASP A 231 6.32 20.28 29.18
CA ASP A 231 6.82 19.04 29.77
C ASP A 231 6.06 17.81 29.32
N ASN A 232 4.92 17.96 28.62
CA ASN A 232 4.08 16.86 28.18
C ASN A 232 4.12 16.60 26.67
N VAL A 233 4.96 17.33 25.91
CA VAL A 233 4.97 17.29 24.46
C VAL A 233 6.26 16.65 23.97
N LYS A 234 6.14 15.57 23.20
CA LYS A 234 7.27 14.83 22.70
C LYS A 234 7.15 14.65 21.19
N ILE A 235 8.30 14.64 20.48
CA ILE A 235 8.35 14.46 19.02
C ILE A 235 8.60 12.99 18.70
N ILE A 236 7.77 12.43 17.83
CA ILE A 236 7.99 11.08 17.33
C ILE A 236 8.86 11.18 16.08
N GLN A 237 10.08 10.64 16.16
CA GLN A 237 11.00 10.62 15.03
C GLN A 237 10.86 9.36 14.17
N ASP A 238 10.38 8.27 14.76
CA ASP A 238 10.09 7.05 14.01
C ASP A 238 9.09 7.36 12.89
N SER A 239 9.41 6.97 11.66
CA SER A 239 8.50 7.28 10.55
C SER A 239 7.52 6.15 10.28
N ASN A 240 7.63 5.04 10.99
CA ASN A 240 6.62 4.00 10.92
C ASN A 240 5.31 4.50 11.49
N LYS A 241 4.20 3.95 10.99
CA LYS A 241 2.88 4.25 11.53
C LYS A 241 2.89 4.08 13.03
N VAL A 242 2.51 5.13 13.76
CA VAL A 242 2.56 5.06 15.22
C VAL A 242 1.49 4.10 15.70
N ASN A 243 1.87 3.25 16.67
CA ASN A 243 0.89 2.39 17.34
C ASN A 243 0.53 3.02 18.67
N PRO A 244 -0.71 3.46 18.87
CA PRO A 244 -1.05 4.17 20.12
C PRO A 244 -0.81 3.36 21.39
N LYS A 245 -0.92 2.03 21.33
CA LYS A 245 -0.69 1.23 22.54
C LYS A 245 0.70 1.47 23.10
N ASP A 246 1.70 1.62 22.22
CA ASP A 246 3.07 1.84 22.65
C ASP A 246 3.28 3.20 23.31
N LEU A 247 2.32 4.10 23.21
CA LEU A 247 2.50 5.45 23.70
C LEU A 247 1.97 5.57 25.12
N ASP A 248 2.69 6.33 25.94
CA ASP A 248 2.23 6.64 27.28
C ASP A 248 1.17 7.74 27.21
N PRO A 249 -0.07 7.48 27.65
CA PRO A 249 -1.12 8.52 27.55
C PRO A 249 -0.77 9.81 28.28
N LYS A 250 0.18 9.78 29.23
CA LYS A 250 0.54 10.99 30.00
C LYS A 250 1.25 11.98 29.19
N TYR A 251 1.29 11.82 27.88
CA TYR A 251 2.02 12.75 27.02
C TYR A 251 1.24 13.00 25.74
N ALA A 252 1.58 14.13 25.12
CA ALA A 252 1.08 14.48 23.80
C ALA A 252 2.22 14.35 22.80
N TYR A 253 1.95 13.65 21.69
CA TYR A 253 2.96 13.29 20.71
C TYR A 253 2.67 13.91 19.35
N ILE A 254 3.73 14.39 18.70
CA ILE A 254 3.71 14.95 17.35
C ILE A 254 4.75 14.21 16.51
N GLN A 255 4.30 13.48 15.49
CA GLN A 255 5.16 12.76 14.56
C GLN A 255 5.43 13.62 13.33
N VAL A 256 6.71 13.88 13.03
CA VAL A 256 7.11 14.74 11.92
C VAL A 256 8.01 13.96 10.96
N THR A 257 7.66 13.95 9.68
CA THR A 257 8.40 13.20 8.66
C THR A 257 8.41 13.96 7.34
N TYR A 258 9.61 14.24 6.81
CA TYR A 258 9.73 14.86 5.49
C TYR A 258 9.16 13.96 4.37
N VAL A 259 8.36 14.53 3.47
CA VAL A 259 7.86 13.81 2.30
C VAL A 259 8.13 14.65 1.06
N THR A 260 8.12 13.99 -0.10
CA THR A 260 8.25 14.68 -1.38
C THR A 260 7.11 14.29 -2.29
N PRO A 261 6.71 15.18 -3.22
CA PRO A 261 5.62 14.83 -4.14
C PRO A 261 5.96 13.59 -4.95
N PHE A 262 4.99 12.70 -5.09
CA PHE A 262 5.18 11.42 -5.74
C PHE A 262 4.44 11.38 -7.07
N PHE A 263 5.07 10.79 -8.09
CA PHE A 263 4.42 10.52 -9.38
C PHE A 263 4.97 9.23 -9.97
N GLU A 264 4.10 8.43 -10.57
CA GLU A 264 4.56 7.24 -11.27
C GLU A 264 4.86 7.57 -12.73
N GLU A 265 5.54 6.64 -13.41
CA GLU A 265 5.95 6.86 -14.80
C GLU A 265 4.77 7.32 -15.66
N LYS A 266 3.58 6.72 -15.44
CA LYS A 266 2.39 7.13 -16.16
C LYS A 266 2.08 8.62 -15.97
N GLU A 267 2.45 9.20 -14.82
CA GLU A 267 2.15 10.61 -14.56
C GLU A 267 3.19 11.55 -15.17
N ILE A 268 4.35 11.04 -15.58
CA ILE A 268 5.38 11.87 -16.18
C ILE A 268 4.94 12.47 -17.51
N GLU A 269 3.83 12.00 -18.07
CA GLU A 269 3.21 12.68 -19.21
C GLU A 269 2.96 14.14 -18.90
N ASP A 270 2.07 14.43 -17.95
CA ASP A 270 2.03 15.75 -17.33
C ASP A 270 3.25 15.90 -16.44
N ARG A 271 3.27 16.89 -15.54
CA ARG A 271 4.41 17.09 -14.63
C ARG A 271 5.74 17.15 -15.39
N LYS A 272 5.79 18.00 -16.42
CA LYS A 272 7.05 18.28 -17.09
C LYS A 272 7.67 19.59 -16.64
N THR A 273 7.10 20.24 -15.63
CA THR A 273 7.43 21.60 -15.24
C THR A 273 7.65 21.66 -13.72
N ASP A 274 8.47 22.61 -13.26
CA ASP A 274 8.58 22.80 -11.81
C ASP A 274 7.22 23.18 -11.23
N PHE A 275 6.47 24.03 -11.92
CA PHE A 275 5.12 24.35 -11.48
C PHE A 275 4.21 23.12 -11.48
N GLU A 276 4.26 22.31 -12.54
CA GLU A 276 3.35 21.18 -12.65
C GLU A 276 3.58 20.15 -11.57
N MET A 277 4.77 20.13 -10.98
CA MET A 277 5.08 19.19 -9.91
C MET A 277 4.63 19.70 -8.56
N HIS A 278 4.14 20.94 -8.50
CA HIS A 278 3.52 21.47 -7.30
C HIS A 278 2.08 21.90 -7.51
N HIS A 279 1.46 21.53 -8.63
CA HIS A 279 0.12 22.06 -8.90
C HIS A 279 -0.90 20.94 -8.99
N ASN A 280 -1.87 20.95 -8.08
CA ASN A 280 -2.90 19.91 -8.02
C ASN A 280 -2.27 18.53 -7.77
N ILE A 281 -1.63 18.40 -6.62
CA ILE A 281 -0.97 17.16 -6.21
C ILE A 281 -1.54 16.69 -4.88
N ASN A 282 -1.61 15.37 -4.71
CA ASN A 282 -2.13 14.82 -3.46
C ASN A 282 -1.40 13.57 -3.01
N ARG A 283 -0.32 13.18 -3.67
CA ARG A 283 0.44 12.01 -3.30
C ARG A 283 1.85 12.39 -2.92
N PHE A 284 2.32 11.85 -1.81
CA PHE A 284 3.61 12.19 -1.24
C PHE A 284 4.28 10.92 -0.75
N VAL A 285 5.61 10.86 -0.86
CA VAL A 285 6.34 9.63 -0.59
C VAL A 285 7.46 9.86 0.42
N PHE A 286 7.72 8.82 1.21
CA PHE A 286 8.91 8.72 2.04
C PHE A 286 9.31 7.25 2.12
N GLU A 287 10.58 7.03 2.43
CA GLU A 287 11.09 5.68 2.65
C GLU A 287 11.52 5.55 4.10
N THR A 288 11.45 4.33 4.60
CA THR A 288 11.77 4.01 5.99
C THR A 288 12.67 2.77 5.99
N PRO A 289 13.82 2.81 6.67
CA PRO A 289 14.69 1.63 6.70
C PRO A 289 14.27 0.60 7.74
N PHE A 290 14.50 -0.67 7.40
CA PHE A 290 14.38 -1.75 8.38
C PHE A 290 15.23 -2.93 7.89
N THR A 291 15.63 -3.76 8.84
CA THR A 291 16.45 -4.91 8.51
C THR A 291 15.61 -6.17 8.54
N LEU A 292 16.24 -7.27 8.12
CA LEU A 292 15.58 -8.56 8.11
C LEU A 292 15.17 -9.02 9.53
N SER A 293 15.98 -8.68 10.55
CA SER A 293 15.65 -9.06 11.93
C SER A 293 14.55 -8.19 12.51
N GLY A 294 14.87 -6.93 12.78
CA GLY A 294 13.90 -5.97 13.26
C GLY A 294 14.49 -4.61 13.57
N LYS A 295 15.72 -4.34 13.14
CA LYS A 295 16.37 -3.06 13.38
C LYS A 295 16.12 -2.08 12.23
N LYS A 296 16.44 -0.81 12.49
CA LYS A 296 16.38 0.20 11.42
C LYS A 296 17.54 0.03 10.43
N HIS A 297 18.75 -0.10 10.96
CA HIS A 297 19.97 -0.06 10.17
C HIS A 297 20.74 -1.37 10.33
N GLY A 298 21.32 -1.82 9.23
CA GLY A 298 22.12 -3.02 9.26
C GLY A 298 23.12 -2.97 8.12
N GLY A 299 23.90 -4.03 8.04
CA GLY A 299 24.77 -4.21 6.90
C GLY A 299 23.99 -4.42 5.62
N VAL A 300 24.72 -4.40 4.52
CA VAL A 300 24.11 -4.35 3.20
C VAL A 300 23.26 -5.57 2.89
N ALA A 301 23.65 -6.75 3.38
CA ALA A 301 22.91 -7.96 3.01
C ALA A 301 21.62 -8.17 3.81
N GLU A 302 21.35 -7.35 4.83
CA GLU A 302 20.10 -7.43 5.60
C GLU A 302 19.28 -6.14 5.55
N GLN A 303 19.71 -5.15 4.75
CA GLN A 303 19.11 -3.82 4.75
C GLN A 303 17.94 -3.76 3.79
N CYS A 304 16.74 -3.50 4.32
CA CYS A 304 15.54 -3.27 3.51
C CYS A 304 15.05 -1.85 3.68
N LYS A 305 14.01 -1.52 2.93
CA LYS A 305 13.35 -0.24 3.12
C LYS A 305 11.89 -0.36 2.69
N ARG A 306 11.03 0.42 3.34
CA ARG A 306 9.62 0.53 3.00
C ARG A 306 9.38 1.87 2.33
N ARG A 307 8.67 1.84 1.21
CA ARG A 307 8.28 3.03 0.48
C ARG A 307 6.78 3.24 0.74
N THR A 308 6.42 4.38 1.33
CA THR A 308 5.04 4.68 1.72
C THR A 308 4.55 5.89 0.92
N ILE A 309 3.35 5.81 0.37
CA ILE A 309 2.77 6.89 -0.41
C ILE A 309 1.51 7.38 0.28
N LEU A 310 1.53 8.64 0.75
CA LEU A 310 0.39 9.25 1.45
C LEU A 310 -0.49 10.03 0.48
N THR A 311 -1.79 9.77 0.49
CA THR A 311 -2.75 10.44 -0.38
C THR A 311 -3.61 11.40 0.45
N THR A 312 -3.70 12.66 0.03
CA THR A 312 -4.40 13.66 0.83
C THR A 312 -5.85 13.82 0.44
N SER A 313 -6.60 14.41 1.35
CA SER A 313 -8.03 14.65 1.18
C SER A 313 -8.34 15.55 -0.01
N HIS A 314 -7.53 16.59 -0.20
CA HIS A 314 -7.71 17.61 -1.23
C HIS A 314 -6.38 17.74 -1.95
N LEU A 315 -6.37 18.49 -3.05
CA LEU A 315 -5.11 18.76 -3.74
C LEU A 315 -4.46 20.05 -3.24
N PHE A 316 -3.17 20.02 -3.11
CA PHE A 316 -2.41 21.25 -2.98
C PHE A 316 -2.28 21.90 -4.34
N PRO A 317 -2.30 23.23 -4.43
CA PRO A 317 -2.57 24.17 -3.34
C PRO A 317 -4.04 24.20 -2.99
N TYR A 318 -4.33 24.62 -1.77
CA TYR A 318 -5.69 24.61 -1.23
C TYR A 318 -5.88 25.90 -0.44
N VAL A 319 -7.08 26.10 0.12
CA VAL A 319 -7.33 27.24 1.01
C VAL A 319 -6.69 27.07 2.40
N LYS A 320 -6.03 25.94 2.67
CA LYS A 320 -5.23 25.76 3.89
C LYS A 320 -3.85 25.25 3.51
N LYS A 321 -2.88 25.49 4.40
CA LYS A 321 -1.51 25.01 4.14
C LYS A 321 -1.26 23.62 4.73
N ARG A 322 -2.24 23.01 5.40
CA ARG A 322 -2.19 21.60 5.76
C ARG A 322 -3.45 20.90 5.26
N ILE A 323 -3.29 19.63 4.84
CA ILE A 323 -4.39 18.82 4.35
C ILE A 323 -4.28 17.42 4.96
N GLN A 324 -5.43 16.84 5.31
CA GLN A 324 -5.48 15.55 5.99
C GLN A 324 -5.22 14.41 5.03
N VAL A 325 -4.42 13.44 5.48
CA VAL A 325 -4.16 12.24 4.71
C VAL A 325 -5.33 11.27 4.89
N ILE A 326 -5.86 10.76 3.77
CA ILE A 326 -7.00 9.85 3.84
C ILE A 326 -6.62 8.39 3.63
N SER A 327 -5.41 8.10 3.13
CA SER A 327 -5.02 6.72 2.85
C SER A 327 -3.52 6.62 2.65
N GLN A 328 -2.98 5.41 2.93
CA GLN A 328 -1.57 5.09 2.70
C GLN A 328 -1.46 3.86 1.82
N SER A 329 -0.51 3.90 0.90
CA SER A 329 -0.12 2.74 0.13
C SER A 329 1.36 2.46 0.40
N SER A 330 1.72 1.19 0.63
CA SER A 330 3.13 0.93 0.87
C SER A 330 3.57 -0.39 0.22
N THR A 331 4.87 -0.47 -0.07
CA THR A 331 5.57 -1.67 -0.51
C THR A 331 6.93 -1.71 0.16
N GLU A 332 7.60 -2.86 0.04
CA GLU A 332 8.90 -3.08 0.64
C GLU A 332 9.89 -3.65 -0.37
N LEU A 333 11.17 -3.35 -0.14
CA LEU A 333 12.27 -3.73 -1.02
C LEU A 333 13.26 -4.63 -0.28
N ASN A 334 13.63 -5.75 -0.93
CA ASN A 334 14.72 -6.66 -0.51
C ASN A 334 16.05 -5.92 -0.37
N PRO A 335 17.00 -6.50 0.38
CA PRO A 335 18.39 -6.00 0.32
C PRO A 335 18.96 -5.90 -1.10
N ILE A 336 18.77 -6.90 -1.95
CA ILE A 336 19.25 -6.79 -3.34
C ILE A 336 18.43 -5.77 -4.12
N GLU A 337 17.16 -5.55 -3.74
CA GLU A 337 16.36 -4.52 -4.40
C GLU A 337 16.79 -3.12 -3.95
N VAL A 338 17.22 -2.99 -2.70
CA VAL A 338 17.78 -1.71 -2.23
C VAL A 338 19.04 -1.39 -3.03
N ALA A 339 19.94 -2.37 -3.14
CA ALA A 339 21.15 -2.20 -3.95
C ALA A 339 20.80 -1.75 -5.36
N ILE A 340 19.87 -2.45 -6.03
CA ILE A 340 19.49 -2.10 -7.39
C ILE A 340 18.99 -0.67 -7.46
N ASP A 341 18.15 -0.28 -6.51
CA ASP A 341 17.62 1.08 -6.45
C ASP A 341 18.73 2.12 -6.36
N GLU A 342 19.63 1.98 -5.38
CA GLU A 342 20.66 2.98 -5.16
C GLU A 342 21.69 2.98 -6.30
N MET A 343 21.97 1.82 -6.90
CA MET A 343 22.87 1.78 -8.05
C MET A 343 22.26 2.47 -9.27
N SER A 344 20.96 2.30 -9.51
CA SER A 344 20.32 2.98 -10.63
C SER A 344 20.41 4.50 -10.47
N LYS A 345 20.10 4.99 -9.28
CA LYS A 345 20.15 6.42 -9.01
C LYS A 345 21.53 7.00 -9.31
N LYS A 346 22.60 6.28 -8.94
CA LYS A 346 23.92 6.88 -9.09
C LYS A 346 24.36 6.90 -10.53
N VAL A 347 23.94 5.92 -11.32
CA VAL A 347 24.22 5.96 -12.76
C VAL A 347 23.52 7.16 -13.39
N SER A 348 22.25 7.38 -13.04
CA SER A 348 21.53 8.54 -13.56
C SER A 348 22.18 9.84 -13.13
N GLU A 349 22.56 9.95 -11.84
CA GLU A 349 23.23 11.14 -11.35
C GLU A 349 24.50 11.43 -12.14
N LEU A 350 25.35 10.42 -12.30
CA LEU A 350 26.61 10.61 -13.02
C LEU A 350 26.35 10.97 -14.46
N ASN A 351 25.43 10.24 -15.12
CA ASN A 351 25.12 10.50 -16.52
C ASN A 351 24.58 11.91 -16.72
N GLN A 352 23.67 12.37 -15.84
CA GLN A 352 23.11 13.71 -16.01
C GLN A 352 24.18 14.78 -15.87
N LEU A 353 25.08 14.65 -14.89
CA LEU A 353 26.15 15.63 -14.71
C LEU A 353 27.00 15.74 -15.96
N CYS A 354 27.27 14.61 -16.63
CA CYS A 354 28.14 14.61 -17.79
C CYS A 354 27.48 15.24 -19.00
N THR A 355 26.15 15.12 -19.10
CA THR A 355 25.45 15.59 -20.27
C THR A 355 25.07 17.05 -20.18
N MET A 356 25.39 17.71 -19.06
CA MET A 356 25.04 19.10 -18.88
C MET A 356 25.66 19.96 -19.98
N GLU A 357 24.98 21.07 -20.30
CA GLU A 357 25.51 21.98 -21.31
C GLU A 357 26.82 22.58 -20.86
N GLU A 358 26.91 22.95 -19.58
CA GLU A 358 28.16 23.40 -18.97
C GLU A 358 28.40 22.56 -17.71
N VAL A 359 29.33 21.61 -17.79
CA VAL A 359 29.52 20.67 -16.70
C VAL A 359 29.94 21.42 -15.45
N ASP A 360 29.32 21.08 -14.31
CA ASP A 360 29.72 21.60 -13.02
C ASP A 360 30.82 20.70 -12.48
N MET A 361 32.03 21.23 -12.41
CA MET A 361 33.20 20.39 -12.14
C MET A 361 33.19 19.86 -10.71
N ILE A 362 32.93 20.73 -9.74
CA ILE A 362 32.94 20.33 -8.34
C ILE A 362 31.83 19.33 -8.09
N ARG A 363 30.67 19.54 -8.71
CA ARG A 363 29.54 18.62 -8.54
C ARG A 363 29.86 17.25 -9.13
N LEU A 364 30.47 17.23 -10.31
CA LEU A 364 30.92 15.98 -10.91
C LEU A 364 31.97 15.29 -10.04
N GLN A 365 32.89 16.06 -9.43
CA GLN A 365 33.93 15.46 -8.59
C GLN A 365 33.35 14.90 -7.31
N LEU A 366 32.43 15.65 -6.68
CA LEU A 366 31.70 15.13 -5.53
C LEU A 366 31.14 13.74 -5.78
N LYS A 367 30.40 13.57 -6.89
CA LYS A 367 29.78 12.28 -7.17
C LYS A 367 30.80 11.26 -7.66
N LEU A 368 31.79 11.67 -8.44
CA LEU A 368 32.76 10.70 -8.97
C LEU A 368 33.61 10.11 -7.85
N GLN A 369 34.22 10.96 -7.05
CA GLN A 369 35.00 10.49 -5.91
C GLN A 369 34.14 9.68 -4.95
N GLY A 370 32.86 10.07 -4.81
CA GLY A 370 31.93 9.35 -3.96
C GLY A 370 31.53 7.99 -4.49
N SER A 371 31.90 7.64 -5.73
CA SER A 371 31.62 6.31 -6.27
C SER A 371 32.87 5.44 -6.37
N VAL A 372 33.91 5.91 -7.10
CA VAL A 372 35.12 5.08 -7.28
C VAL A 372 36.10 5.16 -6.11
N SER A 373 35.93 6.09 -5.18
CA SER A 373 36.94 6.34 -4.16
C SER A 373 36.34 6.39 -2.74
N VAL A 374 35.37 5.51 -2.45
CA VAL A 374 34.68 5.55 -1.16
C VAL A 374 35.63 5.13 -0.06
N LYS A 375 35.64 5.88 1.05
CA LYS A 375 36.46 5.51 2.18
C LYS A 375 35.73 5.52 3.53
N VAL A 376 34.62 6.22 3.67
CA VAL A 376 33.88 6.21 4.94
C VAL A 376 32.76 5.17 4.92
N ASN A 377 31.90 5.21 3.92
CA ASN A 377 30.84 4.22 3.78
C ASN A 377 31.40 2.96 3.14
N ALA A 378 30.51 2.01 2.84
CA ALA A 378 30.92 0.68 2.42
C ALA A 378 31.38 0.65 0.97
N GLY A 379 31.05 1.67 0.17
CA GLY A 379 31.41 1.70 -1.22
C GLY A 379 30.55 0.76 -2.04
N PRO A 380 30.33 1.11 -3.30
CA PRO A 380 29.47 0.28 -4.16
C PRO A 380 29.94 -1.16 -4.27
N MET A 381 31.20 -1.47 -3.97
CA MET A 381 31.67 -2.85 -4.16
C MET A 381 31.21 -3.78 -3.04
N ALA A 382 30.75 -3.23 -1.92
CA ALA A 382 30.03 -4.03 -0.94
C ALA A 382 28.78 -4.69 -1.54
N TYR A 383 28.10 -4.02 -2.48
CA TYR A 383 26.96 -4.62 -3.15
C TYR A 383 27.40 -5.77 -4.06
N ALA A 384 28.45 -5.55 -4.85
CA ALA A 384 28.97 -6.62 -5.70
C ALA A 384 29.37 -7.84 -4.87
N ARG A 385 30.00 -7.63 -3.71
CA ARG A 385 30.36 -8.76 -2.84
C ARG A 385 29.15 -9.51 -2.32
N ALA A 386 28.11 -8.78 -1.90
CA ALA A 386 26.96 -9.36 -1.21
C ALA A 386 25.98 -10.04 -2.15
N PHE A 387 25.87 -9.57 -3.39
CA PHE A 387 24.80 -10.04 -4.26
C PHE A 387 25.27 -10.62 -5.58
N LEU A 388 26.48 -10.32 -6.03
CA LEU A 388 26.94 -10.78 -7.35
C LEU A 388 27.98 -11.88 -7.30
N GLU A 389 28.66 -12.08 -6.17
CA GLU A 389 29.64 -13.15 -6.11
C GLU A 389 28.94 -14.50 -6.31
N GLU A 390 29.59 -15.41 -7.05
CA GLU A 390 28.93 -16.64 -7.47
C GLU A 390 28.23 -17.33 -6.31
N THR A 391 28.90 -17.44 -5.16
CA THR A 391 28.33 -18.15 -4.02
C THR A 391 27.19 -17.38 -3.37
N ASN A 392 27.25 -16.05 -3.35
CA ASN A 392 26.13 -15.29 -2.80
C ASN A 392 24.95 -15.21 -3.76
N ALA A 393 25.22 -15.17 -5.07
CA ALA A 393 24.15 -15.00 -6.05
C ALA A 393 23.19 -16.18 -6.06
N LYS A 394 23.59 -17.31 -5.46
CA LYS A 394 22.74 -18.48 -5.39
C LYS A 394 21.61 -18.30 -4.39
N LYS A 395 21.58 -17.19 -3.68
CA LYS A 395 20.60 -16.91 -2.64
C LYS A 395 19.52 -15.95 -3.09
N TYR A 396 19.56 -15.49 -4.35
CA TYR A 396 18.62 -14.50 -4.88
C TYR A 396 18.14 -14.93 -6.26
N PRO A 397 16.92 -14.52 -6.65
CA PRO A 397 16.38 -14.95 -7.94
C PRO A 397 17.26 -14.46 -9.08
N ASP A 398 17.42 -15.31 -10.08
CA ASP A 398 18.31 -15.02 -11.20
C ASP A 398 18.02 -13.66 -11.85
N ASN A 399 16.74 -13.32 -12.03
CA ASN A 399 16.42 -12.10 -12.74
C ASN A 399 16.88 -10.87 -11.99
N GLN A 400 16.88 -10.93 -10.65
CA GLN A 400 17.30 -9.78 -9.85
C GLN A 400 18.82 -9.61 -9.88
N VAL A 401 19.59 -10.70 -9.79
CA VAL A 401 21.03 -10.57 -9.88
C VAL A 401 21.43 -10.13 -11.30
N LYS A 402 20.70 -10.58 -12.33
CA LYS A 402 21.09 -10.21 -13.68
C LYS A 402 20.85 -8.72 -13.93
N LEU A 403 19.81 -8.15 -13.32
CA LEU A 403 19.57 -6.72 -13.43
C LEU A 403 20.64 -5.92 -12.69
N LEU A 404 21.09 -6.44 -11.53
CA LEU A 404 22.15 -5.77 -10.79
C LEU A 404 23.47 -5.78 -11.57
N LYS A 405 23.83 -6.92 -12.19
CA LYS A 405 25.02 -6.98 -13.03
C LYS A 405 24.94 -5.94 -14.14
N GLU A 406 23.77 -5.76 -14.74
CA GLU A 406 23.67 -4.83 -15.87
C GLU A 406 23.79 -3.40 -15.40
N ILE A 407 23.24 -3.06 -14.23
CA ILE A 407 23.41 -1.71 -13.72
C ILE A 407 24.87 -1.47 -13.37
N PHE A 408 25.57 -2.52 -12.92
CA PHE A 408 26.99 -2.36 -12.61
C PHE A 408 27.80 -2.09 -13.88
N ARG A 409 27.43 -2.75 -14.98
CA ARG A 409 28.03 -2.42 -16.27
C ARG A 409 27.80 -0.96 -16.61
N GLN A 410 26.55 -0.52 -16.52
CA GLN A 410 26.26 0.89 -16.75
C GLN A 410 27.05 1.78 -15.81
N PHE A 411 27.31 1.31 -14.58
CA PHE A 411 28.02 2.11 -13.58
C PHE A 411 29.49 2.28 -13.95
N ALA A 412 30.15 1.20 -14.36
CA ALA A 412 31.51 1.29 -14.88
C ALA A 412 31.58 2.29 -16.03
N ASP A 413 30.61 2.24 -16.94
CA ASP A 413 30.60 3.20 -18.04
C ASP A 413 30.33 4.62 -17.54
N ALA A 414 29.49 4.78 -16.52
CA ALA A 414 29.17 6.13 -16.06
C ALA A 414 30.37 6.77 -15.34
N CYS A 415 31.09 5.99 -14.51
CA CYS A 415 32.34 6.45 -13.90
C CYS A 415 33.40 6.78 -14.94
N GLY A 416 33.58 5.90 -15.92
CA GLY A 416 34.54 6.16 -16.98
C GLY A 416 34.26 7.46 -17.70
N GLN A 417 32.99 7.72 -18.03
CA GLN A 417 32.66 8.98 -18.69
C GLN A 417 32.92 10.18 -17.78
N ALA A 418 32.52 10.07 -16.51
CA ALA A 418 32.75 11.18 -15.59
C ALA A 418 34.26 11.46 -15.44
N LEU A 419 35.09 10.41 -15.47
CA LEU A 419 36.54 10.60 -15.44
C LEU A 419 37.03 11.36 -16.66
N ASP A 420 36.60 10.94 -17.86
CA ASP A 420 36.99 11.63 -19.08
C ASP A 420 36.52 13.09 -19.10
N VAL A 421 35.34 13.36 -18.56
CA VAL A 421 34.83 14.73 -18.48
C VAL A 421 35.69 15.56 -17.51
N ASN A 422 36.03 14.98 -16.35
CA ASN A 422 36.86 15.67 -15.37
C ASN A 422 38.24 15.98 -15.95
N GLU A 423 38.79 15.06 -16.75
CA GLU A 423 40.09 15.28 -17.37
C GLU A 423 40.11 16.54 -18.22
N ARG A 424 39.02 16.79 -18.94
CA ARG A 424 38.91 18.00 -19.75
C ARG A 424 38.73 19.27 -18.90
N LEU A 425 38.49 19.16 -17.60
CA LEU A 425 38.19 20.36 -16.83
C LEU A 425 39.26 20.71 -15.81
N ILE A 426 40.07 19.76 -15.35
CA ILE A 426 41.00 20.05 -14.27
C ILE A 426 42.09 21.00 -14.76
N LYS A 427 42.59 21.82 -13.82
CA LYS A 427 43.83 22.56 -13.96
C LYS A 427 44.94 21.81 -13.23
N GLU A 428 46.14 22.39 -13.27
CA GLU A 428 47.33 21.71 -12.78
C GLU A 428 47.19 21.25 -11.33
N ASP A 429 46.41 21.98 -10.51
CA ASP A 429 46.25 21.65 -9.09
C ASP A 429 45.46 20.36 -8.82
N GLN A 430 44.79 19.77 -9.81
CA GLN A 430 44.05 18.53 -9.57
C GLN A 430 44.53 17.41 -10.49
N LEU A 431 45.76 17.49 -10.99
CA LEU A 431 46.31 16.40 -11.79
C LEU A 431 46.43 15.12 -10.96
N GLU A 432 47.05 15.21 -9.78
CA GLU A 432 47.26 14.00 -8.98
C GLU A 432 45.93 13.47 -8.45
N TYR A 433 45.02 14.38 -8.12
CA TYR A 433 43.66 13.97 -7.74
C TYR A 433 43.02 13.12 -8.83
N GLN A 434 43.01 13.64 -10.06
CA GLN A 434 42.44 12.91 -11.19
C GLN A 434 43.14 11.59 -11.41
N GLU A 435 44.46 11.55 -11.22
CA GLU A 435 45.19 10.31 -11.42
C GLU A 435 44.80 9.29 -10.36
N GLU A 436 44.49 9.76 -9.16
CA GLU A 436 44.15 8.84 -8.10
C GLU A 436 42.74 8.30 -8.27
N LEU A 437 41.81 9.15 -8.73
CA LEU A 437 40.49 8.65 -9.11
C LEU A 437 40.62 7.56 -10.17
N ARG A 438 41.48 7.79 -11.17
CA ARG A 438 41.64 6.81 -12.25
C ARG A 438 42.18 5.49 -11.72
N SER A 439 43.08 5.55 -10.74
CA SER A 439 43.67 4.31 -10.24
C SER A 439 42.67 3.54 -9.39
N HIS A 440 41.85 4.24 -8.63
CA HIS A 440 40.73 3.59 -7.95
C HIS A 440 39.76 2.97 -8.94
N TYR A 441 39.43 3.72 -10.00
CA TYR A 441 38.46 3.21 -10.97
C TYR A 441 38.96 1.95 -11.66
N LYS A 442 40.24 1.93 -12.05
CA LYS A 442 40.85 0.71 -12.59
C LYS A 442 40.82 -0.41 -11.55
N ASP A 443 41.14 -0.08 -10.29
CA ASP A 443 41.14 -1.10 -9.26
C ASP A 443 39.72 -1.62 -9.00
N MET A 444 38.74 -0.71 -8.99
CA MET A 444 37.36 -1.14 -8.86
C MET A 444 36.96 -2.03 -10.04
N LEU A 445 37.33 -1.61 -11.26
CA LEU A 445 37.01 -2.36 -12.47
C LEU A 445 37.58 -3.77 -12.40
N SER A 446 38.81 -3.89 -11.93
CA SER A 446 39.45 -5.19 -11.84
C SER A 446 38.76 -6.06 -10.79
N GLU A 447 38.38 -5.49 -9.65
CA GLU A 447 37.72 -6.31 -8.64
C GLU A 447 36.33 -6.73 -9.10
N LEU A 448 35.61 -5.82 -9.75
CA LEU A 448 34.28 -6.13 -10.28
C LEU A 448 34.36 -7.26 -11.30
N SER A 449 35.42 -7.25 -12.13
CA SER A 449 35.63 -8.30 -13.12
C SER A 449 35.83 -9.67 -12.47
N THR A 450 36.62 -9.73 -11.42
CA THR A 450 36.77 -10.99 -10.68
C THR A 450 35.43 -11.47 -10.16
N VAL A 451 34.68 -10.57 -9.52
CA VAL A 451 33.42 -10.95 -8.87
C VAL A 451 32.41 -11.41 -9.91
N MET A 452 32.30 -10.71 -11.02
CA MET A 452 31.35 -11.05 -12.05
C MET A 452 31.89 -12.09 -13.02
N ASN A 453 33.15 -12.51 -12.85
CA ASN A 453 33.86 -13.29 -13.86
C ASN A 453 33.50 -12.83 -15.27
N GLU A 454 33.92 -11.63 -15.64
CA GLU A 454 33.56 -11.00 -16.91
C GLU A 454 34.44 -9.77 -17.10
N GLN A 455 34.84 -9.50 -18.33
CA GLN A 455 35.75 -8.39 -18.61
C GLN A 455 35.00 -7.06 -18.59
N ILE A 456 35.21 -6.29 -17.53
CA ILE A 456 34.68 -4.94 -17.40
C ILE A 456 35.78 -3.98 -17.83
N THR A 457 35.59 -3.31 -18.98
CA THR A 457 36.58 -2.42 -19.57
C THR A 457 36.35 -0.95 -19.25
N GLN B 2 -21.51 -34.80 4.22
CA GLN B 2 -22.63 -34.46 3.36
C GLN B 2 -22.22 -33.48 2.26
N THR B 3 -21.43 -33.92 1.29
CA THR B 3 -20.98 -33.07 0.18
C THR B 3 -21.53 -33.62 -1.13
N ILE B 4 -22.29 -32.79 -1.87
CA ILE B 4 -22.92 -33.23 -3.11
C ILE B 4 -21.88 -33.39 -4.22
N LYS B 5 -21.91 -34.54 -4.90
CA LYS B 5 -20.96 -34.84 -5.96
C LYS B 5 -21.59 -34.49 -7.31
N CYS B 6 -21.07 -33.45 -7.94
CA CYS B 6 -21.50 -33.02 -9.26
C CYS B 6 -20.33 -33.22 -10.21
N VAL B 7 -20.59 -33.90 -11.32
CA VAL B 7 -19.55 -34.22 -12.30
C VAL B 7 -19.85 -33.45 -13.57
N VAL B 8 -18.87 -32.69 -14.07
CA VAL B 8 -19.03 -31.78 -15.19
C VAL B 8 -18.37 -32.39 -16.44
N VAL B 9 -19.15 -32.53 -17.53
CA VAL B 9 -18.64 -33.07 -18.78
C VAL B 9 -18.92 -32.10 -19.92
N GLY B 10 -18.22 -32.33 -21.03
CA GLY B 10 -18.35 -31.46 -22.20
C GLY B 10 -17.05 -31.22 -22.95
N ASP B 11 -17.11 -30.41 -23.99
CA ASP B 11 -16.00 -30.30 -24.92
C ASP B 11 -14.95 -29.30 -24.44
N GLY B 12 -13.69 -29.62 -24.70
CA GLY B 12 -12.59 -28.90 -24.11
C GLY B 12 -12.61 -27.41 -24.36
N ALA B 13 -13.16 -26.98 -25.50
CA ALA B 13 -13.07 -25.58 -25.89
C ALA B 13 -14.32 -24.80 -25.52
N VAL B 14 -15.17 -25.36 -24.66
CA VAL B 14 -16.43 -24.72 -24.29
C VAL B 14 -16.21 -23.65 -23.22
N GLY B 15 -15.06 -23.66 -22.54
CA GLY B 15 -14.83 -22.77 -21.42
C GLY B 15 -15.38 -23.26 -20.11
N LYS B 16 -15.52 -24.59 -19.95
CA LYS B 16 -16.18 -25.09 -18.76
C LYS B 16 -15.28 -24.99 -17.51
N THR B 17 -13.99 -25.28 -17.65
CA THR B 17 -13.12 -25.15 -16.48
C THR B 17 -13.07 -23.71 -15.99
N CYS B 18 -12.93 -22.76 -16.90
CA CYS B 18 -12.87 -21.35 -16.52
C CYS B 18 -14.10 -20.93 -15.72
N LEU B 19 -15.28 -21.31 -16.20
CA LEU B 19 -16.53 -21.16 -15.46
C LEU B 19 -16.42 -21.71 -14.03
N LEU B 20 -15.91 -22.94 -13.89
CA LEU B 20 -15.82 -23.55 -12.56
C LEU B 20 -14.87 -22.77 -11.65
N ILE B 21 -13.68 -22.40 -12.17
CA ILE B 21 -12.73 -21.62 -11.38
C ILE B 21 -13.34 -20.30 -10.96
N SER B 22 -14.03 -19.61 -11.87
CA SER B 22 -14.50 -18.26 -11.59
C SER B 22 -15.60 -18.28 -10.55
N TYR B 23 -16.53 -19.22 -10.67
CA TYR B 23 -17.61 -19.27 -9.70
C TYR B 23 -17.08 -19.65 -8.32
N THR B 24 -16.24 -20.69 -8.23
CA THR B 24 -15.88 -21.19 -6.91
C THR B 24 -14.88 -20.28 -6.23
N THR B 25 -14.06 -19.53 -6.98
CA THR B 25 -13.17 -18.56 -6.35
C THR B 25 -13.82 -17.21 -6.14
N ASN B 26 -15.02 -17.00 -6.68
CA ASN B 26 -15.74 -15.74 -6.50
C ASN B 26 -14.96 -14.57 -7.14
N LYS B 27 -14.34 -14.85 -8.29
CA LYS B 27 -13.56 -13.87 -9.03
C LYS B 27 -14.05 -13.74 -10.47
N PHE B 28 -13.83 -12.56 -11.05
CA PHE B 28 -14.01 -12.35 -12.48
C PHE B 28 -12.98 -13.17 -13.25
N PRO B 29 -13.36 -13.70 -14.42
CA PRO B 29 -12.49 -14.69 -15.08
C PRO B 29 -11.08 -14.19 -15.37
N SER B 30 -10.89 -12.89 -15.53
CA SER B 30 -9.54 -12.38 -15.75
C SER B 30 -8.71 -12.26 -14.48
N GLU B 31 -9.31 -12.49 -13.31
CA GLU B 31 -8.68 -12.12 -12.06
C GLU B 31 -8.20 -13.31 -11.25
N TYR B 32 -8.44 -14.53 -11.67
CA TYR B 32 -8.04 -15.65 -10.82
C TYR B 32 -6.61 -16.08 -11.11
N VAL B 33 -6.03 -16.78 -10.15
CA VAL B 33 -4.69 -17.35 -10.32
C VAL B 33 -4.89 -18.71 -10.95
N PRO B 34 -4.29 -19.00 -12.10
CA PRO B 34 -4.41 -20.34 -12.66
C PRO B 34 -3.88 -21.34 -11.65
N THR B 35 -4.60 -22.45 -11.51
CA THR B 35 -4.22 -23.51 -10.60
C THR B 35 -3.69 -24.68 -11.41
N VAL B 36 -2.85 -25.51 -10.78
CA VAL B 36 -2.42 -26.74 -11.44
C VAL B 36 -3.31 -27.93 -11.11
N PHE B 37 -4.29 -27.75 -10.21
CA PHE B 37 -5.11 -28.86 -9.73
C PHE B 37 -6.46 -28.91 -10.46
N ASP B 38 -7.05 -30.10 -10.50
CA ASP B 38 -8.38 -30.31 -11.03
C ASP B 38 -9.39 -30.34 -9.89
N ASN B 39 -10.63 -29.94 -10.21
CA ASN B 39 -11.79 -30.07 -9.31
C ASN B 39 -11.89 -28.91 -8.34
N TYR B 40 -13.11 -28.69 -7.79
CA TYR B 40 -13.47 -27.46 -7.09
C TYR B 40 -14.60 -27.72 -6.09
N ALA B 41 -14.55 -27.00 -4.98
CA ALA B 41 -15.52 -27.12 -3.90
C ALA B 41 -16.08 -25.73 -3.62
N VAL B 42 -17.40 -25.63 -3.53
CA VAL B 42 -18.03 -24.35 -3.23
C VAL B 42 -19.20 -24.56 -2.28
N THR B 43 -19.38 -23.63 -1.33
CA THR B 43 -20.52 -23.61 -0.42
C THR B 43 -21.57 -22.62 -0.89
N VAL B 44 -22.83 -23.03 -0.85
CA VAL B 44 -23.89 -22.28 -1.48
C VAL B 44 -25.15 -22.39 -0.61
N MET B 45 -25.99 -21.36 -0.68
CA MET B 45 -27.20 -21.30 0.11
C MET B 45 -28.38 -21.69 -0.77
N ILE B 46 -29.00 -22.81 -0.46
CA ILE B 46 -30.24 -23.23 -1.07
C ILE B 46 -31.34 -23.04 -0.02
N GLY B 47 -31.92 -21.84 0.01
CA GLY B 47 -32.91 -21.49 0.99
C GLY B 47 -32.48 -21.79 2.42
N GLY B 48 -31.95 -20.81 3.12
CA GLY B 48 -31.70 -21.00 4.54
C GLY B 48 -30.57 -21.95 4.91
N GLU B 49 -30.53 -23.15 4.29
CA GLU B 49 -29.52 -24.14 4.67
C GLU B 49 -28.34 -24.09 3.71
N PRO B 50 -27.12 -24.02 4.20
CA PRO B 50 -25.96 -24.07 3.29
C PRO B 50 -25.68 -25.50 2.83
N TYR B 51 -25.09 -25.59 1.63
CA TYR B 51 -24.75 -26.86 0.98
C TYR B 51 -23.38 -26.76 0.31
N THR B 52 -22.62 -27.86 0.35
CA THR B 52 -21.30 -27.93 -0.28
C THR B 52 -21.34 -28.76 -1.56
N LEU B 53 -21.04 -28.11 -2.67
CA LEU B 53 -21.05 -28.71 -3.99
C LEU B 53 -19.62 -29.07 -4.39
N GLY B 54 -19.34 -30.34 -4.54
CA GLY B 54 -18.07 -30.81 -5.06
C GLY B 54 -18.15 -31.02 -6.56
N LEU B 55 -17.29 -30.31 -7.29
CA LEU B 55 -17.37 -30.26 -8.74
C LEU B 55 -16.18 -31.00 -9.32
N PHE B 56 -16.45 -32.20 -9.86
CA PHE B 56 -15.43 -33.06 -10.47
C PHE B 56 -15.32 -32.68 -11.94
N ASP B 57 -14.18 -32.09 -12.32
CA ASP B 57 -13.97 -31.63 -13.69
C ASP B 57 -13.36 -32.77 -14.52
N THR B 58 -13.97 -33.04 -15.67
CA THR B 58 -13.55 -34.13 -16.54
C THR B 58 -12.96 -33.56 -17.83
N ALA B 59 -12.02 -34.29 -18.39
CA ALA B 59 -11.44 -33.95 -19.67
C ALA B 59 -12.29 -34.51 -20.80
N GLY B 60 -12.53 -33.69 -21.82
CA GLY B 60 -13.41 -34.07 -22.91
C GLY B 60 -12.82 -34.94 -24.00
N GLN B 61 -11.50 -35.02 -24.11
CA GLN B 61 -10.87 -35.61 -25.29
C GLN B 61 -11.01 -37.13 -25.30
N GLU B 62 -11.02 -37.68 -26.51
CA GLU B 62 -11.26 -39.11 -26.70
C GLU B 62 -10.25 -39.96 -25.93
N ASP B 63 -9.06 -39.43 -25.67
CA ASP B 63 -8.02 -40.21 -25.02
C ASP B 63 -8.39 -40.60 -23.60
N TYR B 64 -9.40 -39.97 -23.00
CA TYR B 64 -9.84 -40.31 -21.67
C TYR B 64 -11.13 -41.12 -21.64
N ASP B 65 -11.68 -41.47 -22.82
CA ASP B 65 -12.96 -42.15 -22.87
C ASP B 65 -12.98 -43.42 -22.03
N ARG B 66 -11.85 -44.10 -21.90
CA ARG B 66 -11.82 -45.30 -21.07
C ARG B 66 -11.74 -44.93 -19.59
N LEU B 67 -11.02 -43.86 -19.28
CA LEU B 67 -10.73 -43.55 -17.89
C LEU B 67 -11.80 -42.67 -17.25
N ARG B 68 -12.37 -41.74 -18.01
CA ARG B 68 -13.29 -40.75 -17.48
C ARG B 68 -14.49 -41.35 -16.73
N PRO B 69 -15.19 -42.36 -17.24
CA PRO B 69 -16.37 -42.86 -16.49
C PRO B 69 -16.03 -43.49 -15.16
N LEU B 70 -14.74 -43.75 -14.86
CA LEU B 70 -14.39 -44.22 -13.53
C LEU B 70 -14.73 -43.20 -12.46
N SER B 71 -14.96 -41.95 -12.86
CA SER B 71 -15.31 -40.88 -11.94
C SER B 71 -16.79 -40.83 -11.62
N TYR B 72 -17.61 -41.60 -12.35
CA TYR B 72 -19.07 -41.46 -12.31
C TYR B 72 -19.75 -42.13 -11.10
N PRO B 73 -19.28 -43.29 -10.62
CA PRO B 73 -19.88 -43.85 -9.41
C PRO B 73 -19.92 -42.85 -8.27
N GLN B 74 -21.03 -42.86 -7.53
CA GLN B 74 -21.36 -41.97 -6.42
C GLN B 74 -21.74 -40.55 -6.87
N THR B 75 -21.92 -40.31 -8.17
CA THR B 75 -22.34 -39.00 -8.64
C THR B 75 -23.79 -38.72 -8.27
N ASP B 76 -24.06 -37.48 -7.84
CA ASP B 76 -25.43 -37.05 -7.58
C ASP B 76 -26.06 -36.27 -8.72
N VAL B 77 -25.26 -35.61 -9.56
CA VAL B 77 -25.81 -34.82 -10.65
C VAL B 77 -24.71 -34.56 -11.68
N PHE B 78 -25.08 -34.60 -12.96
CA PHE B 78 -24.16 -34.30 -14.05
C PHE B 78 -24.49 -32.95 -14.65
N LEU B 79 -23.44 -32.20 -15.01
CA LEU B 79 -23.56 -30.98 -15.79
C LEU B 79 -22.92 -31.25 -17.15
N VAL B 80 -23.75 -31.33 -18.19
CA VAL B 80 -23.27 -31.47 -19.56
C VAL B 80 -23.25 -30.09 -20.18
N CYS B 81 -22.07 -29.64 -20.60
CA CYS B 81 -21.90 -28.28 -21.09
C CYS B 81 -21.65 -28.24 -22.58
N PHE B 82 -22.03 -27.11 -23.17
CA PHE B 82 -21.74 -26.74 -24.54
C PHE B 82 -21.71 -25.21 -24.57
N SER B 83 -21.13 -24.64 -25.62
CA SER B 83 -21.21 -23.21 -25.80
C SER B 83 -22.32 -22.88 -26.79
N VAL B 84 -23.09 -21.82 -26.48
CA VAL B 84 -24.15 -21.38 -27.40
C VAL B 84 -23.58 -20.81 -28.71
N VAL B 85 -22.27 -20.66 -28.81
CA VAL B 85 -21.62 -20.16 -30.02
C VAL B 85 -20.80 -21.23 -30.72
N SER B 86 -20.70 -22.44 -30.17
CA SER B 86 -20.11 -23.55 -30.91
C SER B 86 -21.23 -24.54 -31.26
N PRO B 87 -21.72 -24.55 -32.49
CA PRO B 87 -22.64 -25.63 -32.89
C PRO B 87 -22.02 -27.00 -32.71
N SER B 88 -20.70 -27.11 -32.89
CA SER B 88 -20.01 -28.37 -32.68
C SER B 88 -20.28 -28.89 -31.26
N SER B 89 -20.18 -28.02 -30.25
CA SER B 89 -20.30 -28.53 -28.88
C SER B 89 -21.75 -28.92 -28.58
N PHE B 90 -22.74 -28.07 -28.94
CA PHE B 90 -24.15 -28.38 -28.78
C PHE B 90 -24.51 -29.74 -29.37
N GLU B 91 -23.68 -30.25 -30.27
CA GLU B 91 -23.94 -31.41 -31.13
C GLU B 91 -23.34 -32.69 -30.57
N ASN B 92 -22.18 -32.58 -29.93
CA ASN B 92 -21.63 -33.70 -29.19
C ASN B 92 -22.38 -33.96 -27.89
N VAL B 93 -23.22 -33.01 -27.45
CA VAL B 93 -24.12 -33.27 -26.33
C VAL B 93 -25.05 -34.43 -26.65
N LYS B 94 -25.80 -34.31 -27.76
CA LYS B 94 -26.65 -35.41 -28.19
C LYS B 94 -25.81 -36.58 -28.70
N GLU B 95 -24.74 -36.29 -29.43
CA GLU B 95 -23.98 -37.34 -30.09
C GLU B 95 -23.18 -38.18 -29.09
N LYS B 96 -22.51 -37.53 -28.14
CA LYS B 96 -21.55 -38.24 -27.30
C LYS B 96 -21.90 -38.23 -25.81
N TRP B 97 -22.11 -37.04 -25.23
CA TRP B 97 -21.98 -36.88 -23.78
C TRP B 97 -23.18 -37.48 -23.01
N VAL B 98 -24.39 -37.05 -23.35
CA VAL B 98 -25.59 -37.62 -22.75
C VAL B 98 -25.63 -39.15 -22.92
N PRO B 99 -25.35 -39.71 -24.11
CA PRO B 99 -25.20 -41.17 -24.17
C PRO B 99 -24.21 -41.75 -23.19
N GLU B 100 -23.01 -41.17 -23.11
CA GLU B 100 -21.99 -41.69 -22.18
C GLU B 100 -22.46 -41.67 -20.74
N ILE B 101 -23.01 -40.54 -20.27
CA ILE B 101 -23.39 -40.45 -18.86
C ILE B 101 -24.63 -41.28 -18.57
N THR B 102 -25.63 -41.26 -19.48
CA THR B 102 -26.85 -42.03 -19.24
C THR B 102 -26.60 -43.52 -19.29
N HIS B 103 -25.66 -43.98 -20.12
CA HIS B 103 -25.31 -45.41 -20.12
C HIS B 103 -24.71 -45.84 -18.79
N HIS B 104 -23.82 -45.02 -18.21
CA HIS B 104 -23.14 -45.40 -16.98
C HIS B 104 -24.01 -45.15 -15.77
N CYS B 105 -24.84 -44.10 -15.80
CA CYS B 105 -25.63 -43.66 -14.65
C CYS B 105 -27.04 -43.34 -15.13
N PRO B 106 -27.87 -44.37 -15.38
CA PRO B 106 -29.19 -44.14 -15.99
C PRO B 106 -30.19 -43.45 -15.06
N LYS B 107 -29.98 -43.50 -13.74
CA LYS B 107 -30.89 -42.92 -12.75
C LYS B 107 -30.45 -41.56 -12.22
N THR B 108 -29.27 -41.07 -12.60
CA THR B 108 -28.72 -39.82 -12.08
C THR B 108 -29.22 -38.65 -12.91
N PRO B 109 -29.85 -37.65 -12.31
CA PRO B 109 -30.29 -36.49 -13.09
C PRO B 109 -29.10 -35.72 -13.67
N PHE B 110 -29.35 -35.03 -14.78
CA PHE B 110 -28.35 -34.20 -15.40
C PHE B 110 -29.01 -32.94 -15.96
N LEU B 111 -28.21 -31.89 -16.07
CA LEU B 111 -28.66 -30.61 -16.62
C LEU B 111 -27.84 -30.26 -17.86
N LEU B 112 -28.50 -29.59 -18.80
CA LEU B 112 -27.83 -29.05 -19.97
C LEU B 112 -27.42 -27.62 -19.65
N VAL B 113 -26.18 -27.27 -19.96
CA VAL B 113 -25.66 -25.95 -19.60
C VAL B 113 -25.06 -25.29 -20.82
N GLY B 114 -25.65 -24.16 -21.24
CA GLY B 114 -25.10 -23.36 -22.30
C GLY B 114 -24.15 -22.32 -21.75
N THR B 115 -22.98 -22.22 -22.36
CA THR B 115 -21.93 -21.32 -21.88
C THR B 115 -21.67 -20.19 -22.87
N GLN B 116 -21.00 -19.15 -22.39
CA GLN B 116 -20.54 -18.02 -23.21
C GLN B 116 -21.69 -17.30 -23.91
N ILE B 117 -22.81 -17.16 -23.20
CA ILE B 117 -23.96 -16.50 -23.79
C ILE B 117 -23.66 -15.04 -24.13
N ASP B 118 -22.61 -14.46 -23.53
CA ASP B 118 -22.28 -13.07 -23.86
C ASP B 118 -21.77 -12.92 -25.30
N LEU B 119 -21.26 -14.01 -25.88
CA LEU B 119 -20.81 -13.98 -27.27
C LEU B 119 -21.96 -14.10 -28.27
N ARG B 120 -23.17 -14.46 -27.82
CA ARG B 120 -24.32 -14.54 -28.71
C ARG B 120 -24.71 -13.15 -29.24
N ASP B 121 -24.59 -12.12 -28.39
CA ASP B 121 -24.80 -10.74 -28.82
C ASP B 121 -23.48 -10.07 -29.14
N ASP B 122 -22.64 -10.73 -29.95
CA ASP B 122 -21.36 -10.18 -30.40
C ASP B 122 -21.30 -10.15 -31.93
N PRO B 123 -20.99 -8.99 -32.53
CA PRO B 123 -21.07 -8.87 -33.99
C PRO B 123 -20.10 -9.78 -34.72
N SER B 124 -18.80 -9.71 -34.37
CA SER B 124 -17.80 -10.51 -35.08
C SER B 124 -18.09 -11.99 -34.91
N THR B 125 -18.57 -12.38 -33.73
CA THR B 125 -18.86 -13.79 -33.49
C THR B 125 -20.00 -14.28 -34.36
N ILE B 126 -21.05 -13.47 -34.51
CA ILE B 126 -22.19 -13.86 -35.34
C ILE B 126 -21.79 -13.99 -36.81
N GLU B 127 -20.94 -13.09 -37.30
CA GLU B 127 -20.51 -13.21 -38.70
C GLU B 127 -19.63 -14.44 -38.91
N LYS B 128 -18.69 -14.71 -37.99
CA LYS B 128 -17.85 -15.90 -38.13
C LYS B 128 -18.72 -17.14 -38.25
N LEU B 129 -19.77 -17.24 -37.44
CA LEU B 129 -20.69 -18.35 -37.56
C LEU B 129 -21.42 -18.32 -38.90
N ALA B 130 -21.92 -17.14 -39.28
CA ALA B 130 -22.61 -16.98 -40.57
C ALA B 130 -21.77 -17.54 -41.71
N LYS B 131 -20.48 -17.18 -41.75
CA LYS B 131 -19.62 -17.65 -42.83
C LYS B 131 -19.62 -19.17 -42.95
N ASN B 132 -19.60 -19.89 -41.83
CA ASN B 132 -19.67 -21.35 -41.88
C ASN B 132 -21.09 -21.86 -42.12
N LYS B 133 -22.03 -20.96 -42.45
CA LYS B 133 -23.45 -21.29 -42.61
C LYS B 133 -24.08 -21.77 -41.29
N GLN B 134 -23.86 -20.99 -40.23
CA GLN B 134 -24.32 -21.32 -38.88
C GLN B 134 -24.79 -20.06 -38.15
N LYS B 135 -25.62 -20.29 -37.13
CA LYS B 135 -26.10 -19.26 -36.23
C LYS B 135 -25.93 -19.76 -34.80
N PRO B 136 -25.94 -18.87 -33.81
CA PRO B 136 -25.83 -19.32 -32.42
C PRO B 136 -27.04 -20.15 -31.99
N ILE B 137 -26.80 -21.09 -31.08
CA ILE B 137 -27.87 -21.85 -30.42
C ILE B 137 -28.70 -20.91 -29.55
N THR B 138 -30.03 -20.91 -29.78
CA THR B 138 -30.98 -20.12 -28.99
C THR B 138 -31.43 -20.88 -27.75
N PRO B 139 -31.89 -20.18 -26.72
CA PRO B 139 -32.45 -20.88 -25.55
C PRO B 139 -33.54 -21.88 -25.93
N GLU B 140 -34.32 -21.55 -26.97
CA GLU B 140 -35.40 -22.40 -27.42
C GLU B 140 -34.89 -23.72 -27.98
N THR B 141 -33.89 -23.67 -28.86
CA THR B 141 -33.30 -24.89 -29.38
C THR B 141 -32.79 -25.79 -28.24
N ALA B 142 -32.08 -25.20 -27.27
CA ALA B 142 -31.45 -25.98 -26.20
C ALA B 142 -32.49 -26.55 -25.23
N GLU B 143 -33.55 -25.79 -24.96
CA GLU B 143 -34.63 -26.30 -24.13
C GLU B 143 -35.37 -27.45 -24.81
N LYS B 144 -35.54 -27.37 -26.14
CA LYS B 144 -36.13 -28.48 -26.88
C LYS B 144 -35.29 -29.75 -26.71
N LEU B 145 -33.98 -29.64 -26.95
CA LEU B 145 -33.09 -30.79 -26.77
C LEU B 145 -33.09 -31.26 -25.32
N ALA B 146 -33.06 -30.33 -24.36
CA ALA B 146 -33.18 -30.71 -22.97
C ALA B 146 -34.44 -31.53 -22.72
N ARG B 147 -35.57 -31.06 -23.26
CA ARG B 147 -36.80 -31.83 -23.15
C ARG B 147 -36.63 -33.19 -23.81
N ASP B 148 -36.10 -33.22 -25.03
CA ASP B 148 -35.99 -34.48 -25.76
C ASP B 148 -35.12 -35.49 -25.02
N LEU B 149 -33.97 -35.05 -24.48
CA LEU B 149 -33.04 -35.99 -23.87
C LEU B 149 -33.38 -36.28 -22.42
N LYS B 150 -34.41 -35.63 -21.86
CA LYS B 150 -34.84 -35.84 -20.47
C LYS B 150 -33.79 -35.32 -19.48
N ALA B 151 -33.35 -34.09 -19.70
CA ALA B 151 -32.58 -33.36 -18.71
C ALA B 151 -33.52 -32.73 -17.69
N VAL B 152 -33.02 -32.57 -16.46
CA VAL B 152 -33.80 -31.89 -15.43
C VAL B 152 -34.30 -30.54 -15.94
N LYS B 153 -33.39 -29.72 -16.46
CA LYS B 153 -33.76 -28.52 -17.20
C LYS B 153 -32.58 -28.09 -18.05
N TYR B 154 -32.64 -26.88 -18.58
CA TYR B 154 -31.52 -26.26 -19.30
C TYR B 154 -31.24 -24.89 -18.70
N VAL B 155 -29.96 -24.63 -18.40
CA VAL B 155 -29.53 -23.36 -17.82
C VAL B 155 -28.43 -22.76 -18.68
N GLU B 156 -28.30 -21.44 -18.60
CA GLU B 156 -27.35 -20.66 -19.38
C GLU B 156 -26.53 -19.76 -18.47
N CYS B 157 -25.32 -19.44 -18.89
CA CYS B 157 -24.53 -18.48 -18.14
C CYS B 157 -23.51 -17.83 -19.05
N SER B 158 -22.94 -16.72 -18.56
CA SER B 158 -21.71 -16.17 -19.06
C SER B 158 -20.81 -15.96 -17.85
N ALA B 159 -19.63 -16.59 -17.88
CA ALA B 159 -18.71 -16.35 -16.77
C ALA B 159 -18.19 -14.93 -16.79
N LEU B 160 -18.19 -14.27 -17.94
CA LEU B 160 -17.61 -12.94 -18.00
C LEU B 160 -18.58 -11.89 -17.48
N THR B 161 -19.86 -12.01 -17.80
CA THR B 161 -20.83 -11.09 -17.24
C THR B 161 -21.38 -11.57 -15.91
N GLN B 162 -21.13 -12.82 -15.54
CA GLN B 162 -21.72 -13.53 -14.39
C GLN B 162 -23.22 -13.74 -14.53
N LYS B 163 -23.86 -13.24 -15.60
CA LYS B 163 -25.29 -13.43 -15.78
C LYS B 163 -25.62 -14.91 -15.86
N GLY B 164 -26.54 -15.35 -14.99
CA GLY B 164 -26.95 -16.75 -14.95
C GLY B 164 -25.97 -17.70 -14.30
N LEU B 165 -24.79 -17.22 -13.88
CA LEU B 165 -23.77 -18.12 -13.37
C LEU B 165 -24.21 -18.72 -12.04
N LYS B 166 -24.74 -17.91 -11.13
CA LYS B 166 -25.17 -18.43 -9.84
C LYS B 166 -26.35 -19.38 -10.01
N ASN B 167 -27.25 -19.08 -10.97
CA ASN B 167 -28.41 -19.93 -11.17
C ASN B 167 -28.02 -21.33 -11.58
N VAL B 168 -26.92 -21.47 -12.34
CA VAL B 168 -26.56 -22.80 -12.82
C VAL B 168 -26.32 -23.73 -11.64
N PHE B 169 -25.64 -23.24 -10.61
CA PHE B 169 -25.25 -24.14 -9.53
C PHE B 169 -26.34 -24.31 -8.49
N ASP B 170 -27.18 -23.29 -8.31
CA ASP B 170 -28.40 -23.46 -7.54
C ASP B 170 -29.26 -24.58 -8.11
N GLU B 171 -29.42 -24.62 -9.44
CA GLU B 171 -30.22 -25.65 -10.08
C GLU B 171 -29.53 -27.01 -9.99
N ALA B 172 -28.21 -27.03 -10.19
CA ALA B 172 -27.45 -28.26 -9.99
C ALA B 172 -27.74 -28.88 -8.62
N ILE B 173 -27.73 -28.07 -7.55
CA ILE B 173 -28.00 -28.59 -6.21
C ILE B 173 -29.45 -29.06 -6.12
N LEU B 174 -30.39 -28.26 -6.62
CA LEU B 174 -31.80 -28.61 -6.48
C LEU B 174 -32.08 -29.97 -7.10
N ALA B 175 -31.56 -30.20 -8.32
CA ALA B 175 -31.74 -31.50 -8.96
C ALA B 175 -31.11 -32.60 -8.13
N ALA B 176 -29.97 -32.35 -7.49
CA ALA B 176 -29.33 -33.38 -6.68
C ALA B 176 -30.12 -33.71 -5.42
N LEU B 177 -30.94 -32.78 -4.92
CA LEU B 177 -31.78 -33.03 -3.76
C LEU B 177 -33.14 -33.60 -4.14
N GLU B 178 -33.36 -33.92 -5.42
CA GLU B 178 -34.51 -34.69 -5.95
C GLU B 178 -35.73 -33.79 -6.20
N MET C 1 30.89 28.89 -11.10
CA MET C 1 30.64 29.37 -9.75
C MET C 1 29.28 28.86 -9.29
N GLN C 2 29.03 27.57 -9.53
CA GLN C 2 27.76 26.94 -9.23
C GLN C 2 27.77 26.11 -7.92
N THR C 3 28.93 25.60 -7.49
CA THR C 3 28.99 24.68 -6.35
C THR C 3 30.01 25.14 -5.31
N ILE C 4 29.57 25.19 -4.06
CA ILE C 4 30.48 25.41 -2.93
C ILE C 4 31.11 24.08 -2.52
N LYS C 5 32.43 24.05 -2.38
CA LYS C 5 33.14 22.84 -1.97
C LYS C 5 33.49 22.94 -0.48
N CYS C 6 32.80 22.17 0.36
CA CYS C 6 33.01 22.18 1.80
C CYS C 6 33.55 20.82 2.23
N VAL C 7 34.77 20.80 2.78
CA VAL C 7 35.43 19.55 3.15
C VAL C 7 35.30 19.37 4.65
N VAL C 8 34.92 18.15 5.07
CA VAL C 8 34.54 17.83 6.45
C VAL C 8 35.57 16.83 6.97
N VAL C 9 36.25 17.18 8.06
CA VAL C 9 37.23 16.28 8.65
C VAL C 9 36.98 16.15 10.15
N GLY C 10 37.52 15.09 10.73
CA GLY C 10 37.32 14.77 12.13
C GLY C 10 37.51 13.28 12.35
N ASP C 11 37.53 12.91 13.62
CA ASP C 11 37.67 11.50 13.99
C ASP C 11 36.38 10.72 13.69
N GLY C 12 36.51 9.39 13.65
CA GLY C 12 35.51 8.52 13.04
C GLY C 12 34.36 8.10 13.94
N ALA C 13 34.47 8.29 15.25
CA ALA C 13 33.34 8.05 16.13
C ALA C 13 32.67 9.35 16.55
N VAL C 14 32.94 10.45 15.84
CA VAL C 14 32.39 11.76 16.17
C VAL C 14 30.94 11.91 15.71
N GLY C 15 30.46 11.03 14.84
CA GLY C 15 29.12 11.22 14.30
C GLY C 15 29.08 12.22 13.18
N LYS C 16 30.19 12.44 12.47
CA LYS C 16 30.23 13.51 11.50
C LYS C 16 29.51 13.13 10.22
N THR C 17 29.48 11.84 9.89
CA THR C 17 28.83 11.42 8.66
C THR C 17 27.33 11.32 8.85
N CYS C 18 26.89 10.75 9.98
CA CYS C 18 25.48 10.76 10.34
C CYS C 18 24.91 12.18 10.39
N LEU C 19 25.74 13.16 10.72
CA LEU C 19 25.31 14.54 10.68
C LEU C 19 25.06 15.01 9.24
N LEU C 20 26.00 14.74 8.32
CA LEU C 20 25.83 15.20 6.94
C LEU C 20 24.66 14.51 6.25
N ILE C 21 24.45 13.21 6.51
CA ILE C 21 23.29 12.52 5.94
C ILE C 21 21.99 13.09 6.49
N SER C 22 21.93 13.31 7.79
CA SER C 22 20.70 13.84 8.38
C SER C 22 20.33 15.17 7.76
N TYR C 23 21.28 16.10 7.70
CA TYR C 23 21.02 17.42 7.14
C TYR C 23 20.69 17.35 5.65
N THR C 24 21.38 16.49 4.91
CA THR C 24 21.22 16.39 3.46
C THR C 24 19.89 15.75 3.07
N THR C 25 19.47 14.72 3.80
CA THR C 25 18.21 14.05 3.52
C THR C 25 17.05 14.65 4.29
N ASN C 26 17.30 15.65 5.14
CA ASN C 26 16.26 16.31 5.91
C ASN C 26 15.51 15.29 6.77
N LYS C 27 16.28 14.40 7.43
CA LYS C 27 15.72 13.29 8.19
C LYS C 27 16.38 13.20 9.56
N PHE C 28 15.64 12.65 10.52
CA PHE C 28 16.19 12.25 11.81
C PHE C 28 17.20 11.10 11.61
N PRO C 29 18.22 11.00 12.47
CA PRO C 29 19.35 10.11 12.17
C PRO C 29 19.00 8.62 12.14
N SER C 30 17.88 8.19 12.73
CA SER C 30 17.46 6.80 12.61
C SER C 30 16.61 6.51 11.37
N GLU C 31 16.17 7.52 10.64
CA GLU C 31 15.21 7.30 9.56
C GLU C 31 15.82 7.34 8.17
N TYR C 32 17.09 7.67 8.02
CA TYR C 32 17.65 7.64 6.67
C TYR C 32 18.05 6.23 6.29
N VAL C 33 18.05 5.96 4.98
CA VAL C 33 18.48 4.65 4.52
C VAL C 33 20.00 4.64 4.38
N PRO C 34 20.69 3.70 5.01
CA PRO C 34 22.15 3.64 4.89
C PRO C 34 22.59 3.62 3.44
N THR C 35 23.60 4.42 3.13
CA THR C 35 24.16 4.49 1.79
C THR C 35 25.57 3.92 1.75
N VAL C 36 25.93 3.33 0.60
CA VAL C 36 27.27 2.81 0.42
C VAL C 36 28.23 3.87 -0.13
N PHE C 37 27.70 4.96 -0.67
CA PHE C 37 28.49 5.99 -1.34
C PHE C 37 28.91 7.07 -0.36
N ASP C 38 29.96 7.78 -0.73
CA ASP C 38 30.44 8.92 0.04
C ASP C 38 30.01 10.24 -0.62
N ASN C 39 29.94 11.27 0.23
CA ASN C 39 29.73 12.69 -0.11
C ASN C 39 28.25 13.05 -0.27
N TYR C 40 27.91 14.33 -0.11
CA TYR C 40 26.54 14.79 -0.03
C TYR C 40 26.38 16.17 -0.65
N ALA C 41 25.28 16.38 -1.36
CA ALA C 41 24.97 17.63 -2.01
C ALA C 41 23.59 18.11 -1.59
N VAL C 42 23.47 19.43 -1.36
CA VAL C 42 22.21 20.07 -1.04
C VAL C 42 22.12 21.43 -1.72
N THR C 43 20.89 21.81 -2.08
CA THR C 43 20.63 23.08 -2.74
C THR C 43 20.38 24.17 -1.70
N VAL C 44 21.09 25.30 -1.87
CA VAL C 44 21.04 26.46 -0.99
C VAL C 44 20.82 27.70 -1.84
N MET C 45 20.10 28.67 -1.29
CA MET C 45 19.67 29.85 -2.05
C MET C 45 20.58 31.02 -1.73
N ILE C 46 21.19 31.57 -2.77
CA ILE C 46 22.03 32.75 -2.63
C ILE C 46 21.35 33.84 -3.45
N GLY C 47 20.62 34.71 -2.78
CA GLY C 47 20.00 35.84 -3.47
C GLY C 47 18.90 35.47 -4.45
N GLY C 48 18.19 34.37 -4.19
CA GLY C 48 17.23 33.87 -5.17
C GLY C 48 17.80 33.02 -6.28
N GLU C 49 19.11 32.91 -6.39
CA GLU C 49 19.58 32.02 -7.42
C GLU C 49 20.06 30.72 -6.80
N PRO C 50 19.81 29.62 -7.51
CA PRO C 50 20.05 28.27 -6.95
C PRO C 50 21.51 27.86 -7.01
N TYR C 51 22.04 27.41 -5.88
CA TYR C 51 23.42 26.99 -5.75
C TYR C 51 23.48 25.62 -5.08
N THR C 52 24.53 24.85 -5.40
CA THR C 52 24.76 23.55 -4.79
C THR C 52 25.85 23.65 -3.71
N LEU C 53 25.53 23.18 -2.52
CA LEU C 53 26.53 22.96 -1.48
C LEU C 53 26.98 21.50 -1.53
N GLY C 54 28.25 21.27 -1.84
CA GLY C 54 28.81 19.93 -1.89
C GLY C 54 29.60 19.63 -0.65
N LEU C 55 29.22 18.55 0.04
CA LEU C 55 29.84 18.15 1.30
C LEU C 55 30.74 16.95 1.03
N PHE C 56 32.06 17.16 1.09
CA PHE C 56 33.04 16.11 0.87
C PHE C 56 33.39 15.49 2.21
N ASP C 57 33.01 14.23 2.41
CA ASP C 57 33.32 13.52 3.64
C ASP C 57 34.71 12.91 3.53
N THR C 58 35.50 13.02 4.59
CA THR C 58 36.81 12.37 4.63
C THR C 58 36.83 11.34 5.75
N ALA C 59 37.55 10.24 5.51
CA ALA C 59 37.85 9.27 6.56
C ALA C 59 39.05 9.76 7.36
N GLY C 60 38.88 9.83 8.68
CA GLY C 60 39.91 10.43 9.51
C GLY C 60 41.02 9.51 9.97
N GLN C 61 40.96 8.22 9.64
CA GLN C 61 41.94 7.26 10.13
C GLN C 61 43.32 7.53 9.55
N GLU C 62 44.34 7.13 10.31
CA GLU C 62 45.72 7.40 9.92
C GLU C 62 46.07 6.68 8.62
N ASP C 63 45.39 5.57 8.30
CA ASP C 63 45.71 4.82 7.09
C ASP C 63 45.45 5.65 5.84
N TYR C 64 44.62 6.70 5.94
CA TYR C 64 44.29 7.56 4.80
C TYR C 64 45.01 8.91 4.82
N ASP C 65 46.03 9.07 5.67
CA ASP C 65 46.68 10.37 5.79
C ASP C 65 47.34 10.80 4.49
N ARG C 66 47.84 9.84 3.70
CA ARG C 66 48.56 10.19 2.49
C ARG C 66 47.62 10.63 1.38
N LEU C 67 46.40 10.08 1.35
CA LEU C 67 45.45 10.31 0.28
C LEU C 67 44.46 11.44 0.55
N ARG C 68 44.07 11.68 1.81
CA ARG C 68 43.09 12.71 2.13
C ARG C 68 43.43 14.10 1.58
N PRO C 69 44.65 14.62 1.68
CA PRO C 69 44.88 16.00 1.21
C PRO C 69 44.68 16.20 -0.29
N LEU C 70 44.75 15.14 -1.09
CA LEU C 70 44.43 15.24 -2.52
C LEU C 70 43.03 15.74 -2.78
N SER C 71 42.16 15.77 -1.76
CA SER C 71 40.81 16.31 -1.86
C SER C 71 40.75 17.78 -1.50
N TYR C 72 41.85 18.35 -1.05
CA TYR C 72 41.82 19.70 -0.51
C TYR C 72 41.82 20.80 -1.57
N PRO C 73 42.44 20.61 -2.76
CA PRO C 73 42.42 21.68 -3.77
C PRO C 73 40.99 22.10 -4.16
N GLN C 74 40.80 23.40 -4.29
CA GLN C 74 39.53 24.03 -4.69
C GLN C 74 38.51 24.10 -3.56
N THR C 75 38.94 23.95 -2.30
CA THR C 75 38.02 23.95 -1.18
C THR C 75 37.67 25.38 -0.79
N ASP C 76 36.39 25.63 -0.58
CA ASP C 76 35.96 26.94 -0.14
C ASP C 76 35.94 27.08 1.38
N VAL C 77 35.67 26.00 2.11
CA VAL C 77 35.58 26.08 3.55
C VAL C 77 35.76 24.68 4.14
N PHE C 78 36.36 24.62 5.33
CA PHE C 78 36.53 23.37 6.05
C PHE C 78 35.59 23.35 7.24
N LEU C 79 35.15 22.15 7.61
CA LEU C 79 34.43 21.88 8.86
C LEU C 79 35.22 20.87 9.67
N VAL C 80 35.78 21.29 10.78
CA VAL C 80 36.58 20.43 11.64
C VAL C 80 35.65 19.98 12.77
N CYS C 81 35.33 18.68 12.81
CA CYS C 81 34.30 18.15 13.68
C CYS C 81 34.89 17.38 14.85
N PHE C 82 34.27 17.51 16.02
CA PHE C 82 34.57 16.70 17.19
C PHE C 82 33.29 16.51 17.98
N SER C 83 33.20 15.39 18.71
CA SER C 83 32.08 15.20 19.62
C SER C 83 32.36 15.90 20.95
N VAL C 84 31.34 16.54 21.51
CA VAL C 84 31.52 17.24 22.78
C VAL C 84 31.61 16.27 23.95
N VAL C 85 31.26 15.01 23.74
CA VAL C 85 31.35 13.97 24.76
C VAL C 85 32.48 12.99 24.47
N SER C 86 33.42 13.36 23.59
CA SER C 86 34.64 12.57 23.35
C SER C 86 35.84 13.49 23.42
N PRO C 87 36.46 13.62 24.59
CA PRO C 87 37.58 14.55 24.74
C PRO C 87 38.74 14.24 23.80
N SER C 88 38.95 12.97 23.46
CA SER C 88 40.05 12.63 22.55
C SER C 88 39.87 13.29 21.19
N SER C 89 38.65 13.26 20.64
CA SER C 89 38.38 13.92 19.36
C SER C 89 38.60 15.42 19.46
N PHE C 90 38.36 16.00 20.63
CA PHE C 90 38.61 17.43 20.84
C PHE C 90 40.10 17.72 20.89
N GLU C 91 40.88 16.85 21.54
CA GLU C 91 42.33 16.99 21.52
C GLU C 91 42.89 16.76 20.13
N ASN C 92 42.29 15.82 19.38
CA ASN C 92 42.74 15.57 18.02
C ASN C 92 42.46 16.75 17.09
N VAL C 93 41.52 17.62 17.47
CA VAL C 93 41.29 18.84 16.71
C VAL C 93 42.53 19.73 16.78
N LYS C 94 43.02 19.98 18.00
CA LYS C 94 44.23 20.77 18.17
C LYS C 94 45.45 20.04 17.63
N GLU C 95 45.51 18.72 17.83
CA GLU C 95 46.75 17.99 17.58
C GLU C 95 46.93 17.64 16.10
N LYS C 96 45.88 17.19 15.41
CA LYS C 96 46.00 16.66 14.06
C LYS C 96 45.24 17.45 13.00
N TRP C 97 43.98 17.82 13.24
CA TRP C 97 43.10 18.28 12.17
C TRP C 97 43.40 19.71 11.71
N VAL C 98 43.37 20.68 12.64
CA VAL C 98 43.75 22.05 12.28
C VAL C 98 45.17 22.11 11.74
N PRO C 99 46.17 21.43 12.33
CA PRO C 99 47.48 21.35 11.66
C PRO C 99 47.37 20.90 10.21
N GLU C 100 46.70 19.78 9.94
CA GLU C 100 46.70 19.20 8.60
C GLU C 100 46.05 20.16 7.60
N ILE C 101 44.90 20.74 7.96
CA ILE C 101 44.22 21.58 6.97
C ILE C 101 44.95 22.91 6.81
N THR C 102 45.51 23.45 7.90
CA THR C 102 46.20 24.73 7.78
C THR C 102 47.53 24.58 7.05
N HIS C 103 48.15 23.40 7.13
CA HIS C 103 49.38 23.17 6.37
C HIS C 103 49.09 23.15 4.86
N HIS C 104 48.05 22.44 4.44
CA HIS C 104 47.79 22.29 3.00
C HIS C 104 47.04 23.47 2.44
N CYS C 105 46.23 24.14 3.27
CA CYS C 105 45.32 25.19 2.81
C CYS C 105 45.39 26.40 3.74
N PRO C 106 46.54 27.07 3.78
CA PRO C 106 46.75 28.05 4.87
C PRO C 106 45.80 29.23 4.83
N LYS C 107 45.22 29.55 3.67
CA LYS C 107 44.34 30.71 3.56
C LYS C 107 42.86 30.34 3.41
N THR C 108 42.49 29.07 3.59
CA THR C 108 41.10 28.65 3.47
C THR C 108 40.42 28.68 4.83
N PRO C 109 39.24 29.26 4.97
CA PRO C 109 38.60 29.33 6.28
C PRO C 109 38.05 27.98 6.74
N PHE C 110 37.89 27.87 8.07
CA PHE C 110 37.35 26.64 8.63
C PHE C 110 36.56 26.96 9.89
N LEU C 111 35.53 26.16 10.15
CA LEU C 111 34.72 26.26 11.35
C LEU C 111 35.03 25.09 12.30
N LEU C 112 34.93 25.35 13.59
CA LEU C 112 35.02 24.31 14.60
C LEU C 112 33.61 23.85 14.95
N VAL C 113 33.33 22.55 14.79
CA VAL C 113 31.97 22.01 14.87
C VAL C 113 31.89 20.98 15.99
N GLY C 114 31.01 21.23 16.96
CA GLY C 114 30.72 20.27 18.01
C GLY C 114 29.47 19.46 17.70
N THR C 115 29.60 18.14 17.80
CA THR C 115 28.51 17.23 17.54
C THR C 115 28.07 16.54 18.82
N GLN C 116 26.90 15.91 18.74
CA GLN C 116 26.37 15.07 19.81
C GLN C 116 26.11 15.87 21.09
N ILE C 117 25.86 17.17 20.96
CA ILE C 117 25.60 18.00 22.13
C ILE C 117 24.43 17.49 22.97
N ASP C 118 23.53 16.67 22.40
CA ASP C 118 22.43 16.14 23.20
C ASP C 118 22.95 15.27 24.35
N LEU C 119 24.04 14.52 24.13
CA LEU C 119 24.55 13.63 25.15
C LEU C 119 25.19 14.38 26.30
N ARG C 120 25.43 15.68 26.14
CA ARG C 120 25.95 16.48 27.25
C ARG C 120 24.97 16.50 28.41
N ASP C 121 23.68 16.42 28.11
CA ASP C 121 22.62 16.39 29.11
C ASP C 121 22.08 14.98 29.31
N ASP C 122 22.92 13.96 29.07
CA ASP C 122 22.55 12.55 29.19
C ASP C 122 23.18 11.97 30.44
N PRO C 123 22.40 11.32 31.29
CA PRO C 123 22.98 10.76 32.53
C PRO C 123 23.99 9.66 32.27
N SER C 124 23.62 8.62 31.50
CA SER C 124 24.53 7.49 31.29
C SER C 124 25.86 7.95 30.71
N THR C 125 25.80 8.74 29.64
CA THR C 125 27.02 9.30 29.05
C THR C 125 27.80 10.09 30.10
N ILE C 126 27.13 10.93 30.87
CA ILE C 126 27.83 11.78 31.83
C ILE C 126 28.49 10.93 32.91
N GLU C 127 27.94 9.72 33.16
CA GLU C 127 28.55 8.78 34.10
C GLU C 127 29.68 7.99 33.44
N LYS C 128 29.45 7.49 32.22
CA LYS C 128 30.52 6.80 31.50
C LYS C 128 31.77 7.67 31.43
N LEU C 129 31.57 8.99 31.25
CA LEU C 129 32.69 9.91 31.24
C LEU C 129 33.27 10.09 32.64
N ALA C 130 32.44 9.95 33.67
CA ALA C 130 32.94 10.04 35.03
C ALA C 130 33.88 8.90 35.35
N LYS C 131 33.55 7.68 34.86
CA LYS C 131 34.34 6.49 35.17
C LYS C 131 35.79 6.64 34.72
N ASN C 132 36.04 7.40 33.66
CA ASN C 132 37.38 7.69 33.18
C ASN C 132 37.84 9.08 33.61
N LYS C 133 37.11 9.72 34.51
CA LYS C 133 37.50 11.00 35.11
C LYS C 133 37.61 12.11 34.05
N GLN C 134 36.73 12.07 33.05
CA GLN C 134 36.61 13.14 32.06
C GLN C 134 35.19 13.72 32.10
N LYS C 135 35.10 15.02 31.81
CA LYS C 135 33.80 15.67 31.74
C LYS C 135 33.58 16.24 30.35
N PRO C 136 32.32 16.30 29.89
CA PRO C 136 32.05 16.77 28.53
C PRO C 136 32.60 18.16 28.26
N ILE C 137 32.99 18.41 27.00
CA ILE C 137 33.49 19.72 26.61
C ILE C 137 32.35 20.72 26.62
N THR C 138 32.54 21.79 27.25
CA THR C 138 31.62 22.89 27.40
C THR C 138 31.84 23.91 26.27
N PRO C 139 30.78 24.62 25.87
CA PRO C 139 30.92 25.55 24.74
C PRO C 139 31.97 26.62 24.95
N GLU C 140 32.14 27.09 26.17
CA GLU C 140 33.17 28.08 26.47
C GLU C 140 34.56 27.52 26.17
N THR C 141 34.82 26.27 26.56
CA THR C 141 36.08 25.63 26.22
C THR C 141 36.29 25.60 24.72
N ALA C 142 35.27 25.14 23.97
CA ALA C 142 35.42 25.00 22.54
C ALA C 142 35.56 26.37 21.87
N GLU C 143 34.83 27.36 22.37
CA GLU C 143 35.00 28.72 21.85
C GLU C 143 36.42 29.23 22.09
N LYS C 144 37.04 28.85 23.22
CA LYS C 144 38.41 29.28 23.49
C LYS C 144 39.38 28.66 22.48
N LEU C 145 39.24 27.35 22.24
CA LEU C 145 40.05 26.70 21.23
C LEU C 145 39.77 27.27 19.84
N ALA C 146 38.51 27.60 19.55
CA ALA C 146 38.20 28.22 18.27
C ALA C 146 38.95 29.54 18.10
N ARG C 147 38.96 30.38 19.14
CA ARG C 147 39.69 31.66 19.03
C ARG C 147 41.20 31.42 18.94
N ASP C 148 41.72 30.44 19.67
CA ASP C 148 43.15 30.18 19.68
C ASP C 148 43.62 29.62 18.35
N LEU C 149 42.87 28.69 17.75
CA LEU C 149 43.26 28.11 16.48
C LEU C 149 42.82 28.94 15.28
N LYS C 150 42.22 30.12 15.52
CA LYS C 150 41.86 31.07 14.47
C LYS C 150 40.69 30.59 13.62
N ALA C 151 39.82 29.74 14.16
CA ALA C 151 38.66 29.30 13.39
C ALA C 151 37.77 30.48 13.10
N VAL C 152 37.02 30.41 11.99
CA VAL C 152 36.04 31.46 11.70
C VAL C 152 35.06 31.56 12.85
N LYS C 153 34.63 30.43 13.37
CA LYS C 153 33.56 30.39 14.36
C LYS C 153 33.57 29.01 14.98
N TYR C 154 32.87 28.88 16.11
CA TYR C 154 32.56 27.60 16.71
C TYR C 154 31.05 27.43 16.66
N VAL C 155 30.60 26.26 16.20
CA VAL C 155 29.18 25.97 16.09
C VAL C 155 28.96 24.60 16.70
N GLU C 156 27.77 24.38 17.26
CA GLU C 156 27.40 23.15 17.93
C GLU C 156 26.09 22.63 17.38
N CYS C 157 25.95 21.32 17.30
CA CYS C 157 24.67 20.81 16.87
C CYS C 157 24.40 19.43 17.47
N SER C 158 23.16 18.99 17.31
CA SER C 158 22.72 17.63 17.59
C SER C 158 21.97 17.13 16.37
N ALA C 159 22.50 16.08 15.74
CA ALA C 159 21.78 15.44 14.65
C ALA C 159 20.53 14.72 15.15
N LEU C 160 20.48 14.35 16.43
CA LEU C 160 19.32 13.67 17.00
C LEU C 160 18.16 14.64 17.28
N THR C 161 18.44 15.75 17.95
CA THR C 161 17.40 16.72 18.28
C THR C 161 17.24 17.82 17.23
N GLN C 162 18.13 17.87 16.23
CA GLN C 162 18.17 18.88 15.17
C GLN C 162 18.56 20.28 15.68
N LYS C 163 18.85 20.43 16.96
CA LYS C 163 19.16 21.74 17.54
C LYS C 163 20.52 22.21 17.02
N GLY C 164 20.55 23.40 16.41
CA GLY C 164 21.77 23.98 15.90
C GLY C 164 22.28 23.39 14.60
N LEU C 165 21.56 22.43 14.02
CA LEU C 165 21.98 21.84 12.76
C LEU C 165 21.96 22.85 11.63
N LYS C 166 20.81 23.48 11.40
CA LYS C 166 20.71 24.49 10.34
C LYS C 166 21.76 25.60 10.51
N ASN C 167 22.04 26.01 11.75
CA ASN C 167 22.98 27.12 11.90
C ASN C 167 24.40 26.72 11.53
N VAL C 168 24.77 25.44 11.70
CA VAL C 168 26.11 25.00 11.28
C VAL C 168 26.33 25.32 9.80
N PHE C 169 25.37 24.95 8.95
CA PHE C 169 25.57 25.09 7.52
C PHE C 169 25.28 26.50 7.04
N ASP C 170 24.38 27.23 7.70
CA ASP C 170 24.23 28.66 7.43
C ASP C 170 25.56 29.36 7.64
N GLU C 171 26.31 28.91 8.65
CA GLU C 171 27.58 29.53 8.99
C GLU C 171 28.69 29.02 8.08
N ALA C 172 28.65 27.74 7.70
CA ALA C 172 29.58 27.26 6.68
C ALA C 172 29.40 28.02 5.37
N ILE C 173 28.14 28.24 4.93
CA ILE C 173 27.89 28.91 3.65
C ILE C 173 28.45 30.34 3.66
N LEU C 174 28.23 31.09 4.75
CA LEU C 174 28.76 32.46 4.81
C LEU C 174 30.29 32.47 4.77
N ALA C 175 30.93 31.50 5.44
CA ALA C 175 32.39 31.44 5.42
C ALA C 175 32.91 31.10 4.04
N ALA C 176 32.22 30.19 3.33
CA ALA C 176 32.65 29.79 1.99
C ALA C 176 32.57 30.92 0.98
N LEU C 177 31.69 31.91 1.22
CA LEU C 177 31.59 33.04 0.31
C LEU C 177 32.77 34.00 0.46
N GLU C 178 33.63 33.76 1.45
CA GLU C 178 35.01 34.26 1.57
C GLU C 178 35.09 35.50 2.45
N THR D 2 -20.95 16.57 20.35
CA THR D 2 -22.02 16.75 21.34
C THR D 2 -22.63 15.41 21.67
N PRO D 3 -22.73 15.10 22.97
CA PRO D 3 -23.19 13.76 23.37
C PRO D 3 -24.51 13.33 22.78
N GLU D 4 -25.57 14.13 22.93
CA GLU D 4 -26.88 13.65 22.51
C GLU D 4 -26.99 13.57 20.98
N LEU D 5 -26.30 14.45 20.25
CA LEU D 5 -26.35 14.38 18.80
C LEU D 5 -25.69 13.10 18.27
N ARG D 6 -24.59 12.68 18.88
CA ARG D 6 -23.98 11.40 18.54
C ARG D 6 -24.85 10.23 18.98
N ARG D 7 -25.50 10.38 20.13
CA ARG D 7 -26.34 9.31 20.66
C ARG D 7 -27.62 9.15 19.84
N THR D 8 -28.22 10.26 19.38
CA THR D 8 -29.38 10.16 18.50
C THR D 8 -29.03 9.42 17.22
N TRP D 9 -27.84 9.68 16.68
CA TRP D 9 -27.44 9.05 15.43
C TRP D 9 -27.23 7.56 15.64
N LEU D 10 -26.50 7.17 16.70
CA LEU D 10 -26.28 5.76 16.96
C LEU D 10 -27.61 5.02 17.08
N GLU D 11 -28.55 5.61 17.81
CA GLU D 11 -29.87 5.02 18.02
C GLU D 11 -30.64 4.89 16.71
N SER D 12 -30.49 5.88 15.84
CA SER D 12 -31.15 5.80 14.53
C SER D 12 -30.53 4.70 13.67
N MET D 13 -29.20 4.61 13.65
CA MET D 13 -28.53 3.51 12.94
C MET D 13 -28.94 2.17 13.51
N ALA D 14 -29.01 2.05 14.83
CA ALA D 14 -29.40 0.76 15.41
C ALA D 14 -30.77 0.33 14.88
N LYS D 15 -31.73 1.25 14.88
CA LYS D 15 -33.08 0.90 14.43
C LYS D 15 -33.09 0.55 12.93
N ILE D 16 -32.33 1.29 12.11
CA ILE D 16 -32.27 0.97 10.68
C ILE D 16 -31.60 -0.38 10.45
N HIS D 17 -30.50 -0.66 11.16
CA HIS D 17 -29.83 -1.95 11.02
C HIS D 17 -30.76 -3.08 11.44
N ALA D 18 -31.50 -2.88 12.53
CA ALA D 18 -32.40 -3.91 13.01
C ALA D 18 -33.51 -4.18 11.99
N ARG D 19 -34.03 -3.11 11.37
CA ARG D 19 -35.05 -3.29 10.35
C ARG D 19 -34.49 -4.05 9.15
N ASN D 20 -33.26 -3.74 8.75
CA ASN D 20 -32.61 -4.39 7.63
C ASN D 20 -32.15 -5.82 7.95
N GLY D 21 -32.17 -6.25 9.20
CA GLY D 21 -31.60 -7.54 9.53
C GLY D 21 -30.10 -7.59 9.72
N ASP D 22 -29.41 -6.45 9.84
CA ASP D 22 -27.97 -6.44 10.13
C ASP D 22 -27.80 -6.30 11.65
N LEU D 23 -27.99 -7.43 12.34
CA LEU D 23 -28.09 -7.41 13.80
C LEU D 23 -26.72 -7.29 14.48
N SER D 24 -25.64 -7.68 13.81
CA SER D 24 -24.29 -7.40 14.29
C SER D 24 -24.06 -5.90 14.42
N GLU D 25 -24.49 -5.13 13.42
CA GLU D 25 -24.27 -3.69 13.48
C GLU D 25 -25.21 -3.03 14.49
N ALA D 26 -26.46 -3.49 14.58
CA ALA D 26 -27.34 -3.01 15.63
C ALA D 26 -26.69 -3.21 16.99
N ALA D 27 -26.12 -4.40 17.23
CA ALA D 27 -25.51 -4.67 18.52
C ALA D 27 -24.33 -3.73 18.80
N MET D 28 -23.51 -3.43 17.79
CA MET D 28 -22.38 -2.51 17.99
C MET D 28 -22.87 -1.10 18.33
N CYS D 29 -23.95 -0.64 17.70
CA CYS D 29 -24.49 0.68 18.01
C CYS D 29 -24.81 0.84 19.49
N TYR D 30 -25.48 -0.14 20.08
CA TYR D 30 -25.84 -0.02 21.49
C TYR D 30 -24.62 -0.07 22.38
N ILE D 31 -23.59 -0.86 22.01
CA ILE D 31 -22.38 -0.87 22.83
C ILE D 31 -21.70 0.49 22.76
N HIS D 32 -21.83 1.19 21.62
CA HIS D 32 -21.24 2.54 21.50
C HIS D 32 -22.08 3.56 22.27
N ILE D 33 -23.41 3.41 22.29
CA ILE D 33 -24.24 4.25 23.15
C ILE D 33 -23.85 4.05 24.60
N ALA D 34 -23.68 2.79 25.01
CA ALA D 34 -23.31 2.50 26.38
C ALA D 34 -21.94 3.08 26.70
N ALA D 35 -21.00 3.00 25.76
CA ALA D 35 -19.67 3.58 26.01
C ALA D 35 -19.76 5.11 26.14
N LEU D 36 -20.55 5.74 25.29
CA LEU D 36 -20.68 7.20 25.32
C LEU D 36 -21.38 7.66 26.60
N ILE D 37 -22.46 7.01 26.99
CA ILE D 37 -23.10 7.35 28.27
C ILE D 37 -22.12 7.10 29.41
N ALA D 38 -21.35 6.01 29.34
CA ALA D 38 -20.36 5.72 30.37
C ALA D 38 -19.36 6.85 30.51
N GLU D 39 -18.78 7.27 29.38
CA GLU D 39 -17.79 8.34 29.41
C GLU D 39 -18.41 9.67 29.85
N TYR D 40 -19.69 9.90 29.54
CA TYR D 40 -20.34 11.15 29.95
C TYR D 40 -20.56 11.17 31.45
N LEU D 41 -21.06 10.07 32.01
CA LEU D 41 -21.28 10.01 33.45
C LEU D 41 -19.95 10.05 34.20
N LYS D 42 -18.92 9.40 33.65
CA LYS D 42 -17.61 9.45 34.29
C LYS D 42 -17.09 10.89 34.35
N ARG D 43 -17.02 11.56 33.21
CA ARG D 43 -16.48 12.92 33.19
C ARG D 43 -17.28 13.89 34.07
N LYS D 44 -18.50 13.53 34.47
CA LYS D 44 -19.28 14.37 35.37
C LYS D 44 -19.13 14.00 36.84
N GLY D 45 -18.58 12.81 37.15
CA GLY D 45 -18.43 12.40 38.54
C GLY D 45 -19.55 11.56 39.13
N TYR D 46 -20.16 10.67 38.32
CA TYR D 46 -21.26 9.83 38.79
C TYR D 46 -20.81 8.87 39.89
N TRP D 47 -19.55 8.41 39.86
CA TRP D 47 -19.07 7.42 40.83
C TRP D 47 -17.91 7.95 41.70
N GLY D 77 -11.28 -6.07 36.10
CA GLY D 77 -11.83 -4.78 35.72
C GLY D 77 -13.12 -4.89 34.92
N SER D 78 -13.37 -3.87 34.09
CA SER D 78 -14.54 -3.74 33.22
C SER D 78 -15.79 -3.33 34.00
N MET D 79 -15.75 -2.17 34.65
CA MET D 79 -16.91 -1.58 35.30
C MET D 79 -17.25 -0.27 34.59
N PHE D 80 -18.54 0.11 34.68
CA PHE D 80 -19.00 1.35 34.07
C PHE D 80 -18.20 2.57 34.55
N SER D 81 -17.67 2.51 35.77
CA SER D 81 -16.90 3.63 36.33
C SER D 81 -15.72 4.01 35.45
N MET D 82 -15.14 3.05 34.72
CA MET D 82 -13.93 3.32 33.95
C MET D 82 -14.16 4.29 32.80
N GLY D 83 -15.38 4.40 32.29
CA GLY D 83 -15.62 5.15 31.08
C GLY D 83 -15.58 4.24 29.87
N TRP D 84 -15.42 4.83 28.69
CA TRP D 84 -15.37 4.01 27.48
C TRP D 84 -14.30 2.90 27.53
N PRO D 85 -13.17 3.00 28.25
CA PRO D 85 -12.25 1.84 28.29
C PRO D 85 -12.86 0.58 28.90
N ALA D 86 -13.95 0.70 29.66
CA ALA D 86 -14.62 -0.48 30.22
C ALA D 86 -15.03 -1.47 29.13
N PHE D 87 -15.35 -0.98 27.93
CA PHE D 87 -15.81 -1.82 26.84
C PHE D 87 -14.70 -2.14 25.84
N LEU D 88 -13.44 -1.90 26.21
CA LEU D 88 -12.35 -2.15 25.28
C LEU D 88 -12.29 -3.60 24.84
N SER D 89 -12.71 -4.51 25.73
CA SER D 89 -12.68 -5.94 25.43
C SER D 89 -13.65 -6.30 24.31
N ILE D 90 -14.84 -5.71 24.32
CA ILE D 90 -15.83 -6.02 23.29
C ILE D 90 -15.30 -5.58 21.92
N THR D 91 -15.04 -4.28 21.75
CA THR D 91 -14.53 -3.74 20.49
C THR D 91 -13.63 -2.54 20.76
N PRO D 92 -12.45 -2.47 20.16
CA PRO D 92 -11.63 -1.26 20.30
C PRO D 92 -12.25 -0.03 19.66
N ASN D 93 -13.22 -0.19 18.75
CA ASN D 93 -13.78 0.96 18.05
C ASN D 93 -14.34 2.02 19.02
N ILE D 94 -14.76 1.60 20.23
CA ILE D 94 -15.47 2.51 21.12
C ILE D 94 -14.55 3.59 21.68
N LYS D 95 -13.23 3.47 21.43
CA LYS D 95 -12.31 4.54 21.78
C LYS D 95 -12.74 5.88 21.19
N GLU D 96 -13.40 5.87 20.03
CA GLU D 96 -13.78 7.13 19.39
C GLU D 96 -14.89 7.86 20.15
N GLU D 97 -15.60 7.18 21.06
CA GLU D 97 -16.60 7.89 21.85
C GLU D 97 -15.97 8.86 22.88
N GLY D 98 -14.65 8.87 23.02
CA GLY D 98 -14.01 9.82 23.90
C GLY D 98 -13.53 11.07 23.20
N ALA D 99 -14.43 11.79 22.54
CA ALA D 99 -14.10 13.05 21.86
C ALA D 99 -14.99 14.17 22.34
N TYR D 111 -30.37 10.23 32.71
CA TYR D 111 -29.07 9.60 32.62
C TYR D 111 -28.67 8.96 33.96
N ASN D 112 -29.16 7.74 34.19
CA ASN D 112 -28.89 6.95 35.39
C ASN D 112 -28.10 5.70 35.01
N GLU D 113 -27.61 4.99 36.02
CA GLU D 113 -26.99 3.71 35.73
C GLU D 113 -27.98 2.70 35.21
N ASN D 114 -29.29 2.84 35.51
CA ASN D 114 -30.28 1.95 34.92
C ASN D 114 -30.28 2.07 33.41
N ILE D 115 -29.96 3.27 32.90
CA ILE D 115 -29.95 3.53 31.45
C ILE D 115 -28.81 2.77 30.79
N LEU D 116 -27.61 2.87 31.36
CA LEU D 116 -26.46 2.11 30.86
C LEU D 116 -26.79 0.62 30.77
N VAL D 117 -27.28 0.04 31.87
CA VAL D 117 -27.60 -1.39 31.89
C VAL D 117 -28.59 -1.74 30.77
N GLU D 118 -29.56 -0.86 30.54
CA GLU D 118 -30.55 -1.16 29.51
C GLU D 118 -29.96 -1.09 28.10
N GLN D 119 -28.98 -0.22 27.87
CA GLN D 119 -28.28 -0.24 26.57
C GLN D 119 -27.61 -1.60 26.35
N LEU D 120 -27.05 -2.17 27.42
CA LEU D 120 -26.37 -3.45 27.31
C LEU D 120 -27.34 -4.62 27.18
N TYR D 121 -28.51 -4.53 27.83
CA TYR D 121 -29.54 -5.55 27.60
C TYR D 121 -29.85 -5.67 26.13
N MET D 122 -30.06 -4.52 25.48
CA MET D 122 -30.38 -4.50 24.06
C MET D 122 -29.25 -5.09 23.23
N CYS D 123 -28.00 -4.76 23.59
CA CYS D 123 -26.85 -5.28 22.87
C CYS D 123 -26.78 -6.79 22.98
N VAL D 124 -27.01 -7.32 24.19
CA VAL D 124 -27.05 -8.77 24.40
C VAL D 124 -28.09 -9.40 23.49
N GLU D 125 -29.28 -8.77 23.38
CA GLU D 125 -30.33 -9.31 22.51
C GLU D 125 -29.85 -9.44 21.07
N PHE D 126 -29.29 -8.37 20.49
CA PHE D 126 -28.86 -8.44 19.08
C PHE D 126 -27.62 -9.33 18.92
N LEU D 127 -26.81 -9.46 19.98
CA LEU D 127 -25.71 -10.41 19.97
C LEU D 127 -26.22 -11.84 19.86
N TRP D 128 -27.23 -12.21 20.67
CA TRP D 128 -27.90 -13.50 20.49
C TRP D 128 -28.39 -13.65 19.06
N LYS D 129 -29.18 -12.67 18.59
CA LYS D 129 -29.76 -12.77 17.26
C LYS D 129 -28.70 -12.79 16.16
N SER D 130 -27.55 -12.14 16.37
CA SER D 130 -26.50 -12.18 15.36
C SER D 130 -25.63 -13.41 15.43
N GLU D 131 -25.93 -14.36 16.34
CA GLU D 131 -25.11 -15.55 16.60
C GLU D 131 -23.68 -15.22 17.05
N ARG D 132 -23.43 -14.03 17.58
CA ARG D 132 -22.10 -13.73 18.11
C ARG D 132 -22.06 -14.04 19.62
N TYR D 133 -22.36 -15.31 19.91
CA TYR D 133 -22.60 -15.73 21.28
C TYR D 133 -21.38 -15.48 22.16
N GLU D 134 -20.18 -15.67 21.61
CA GLU D 134 -18.95 -15.50 22.38
C GLU D 134 -18.84 -14.15 23.08
N LEU D 135 -19.43 -13.10 22.50
CA LEU D 135 -19.34 -11.78 23.09
C LEU D 135 -20.23 -11.60 24.31
N ILE D 136 -21.23 -12.48 24.52
CA ILE D 136 -22.22 -12.18 25.54
C ILE D 136 -21.58 -12.17 26.92
N ALA D 137 -20.51 -12.95 27.12
CA ALA D 137 -19.80 -12.93 28.39
C ALA D 137 -19.16 -11.56 28.66
N ASP D 138 -18.50 -10.97 27.66
CA ASP D 138 -17.85 -9.67 27.88
C ASP D 138 -18.86 -8.55 28.15
N VAL D 139 -20.02 -8.58 27.46
CA VAL D 139 -21.03 -7.55 27.64
C VAL D 139 -21.72 -7.67 29.00
N ASN D 140 -21.93 -8.90 29.47
CA ASN D 140 -22.57 -9.05 30.77
C ASN D 140 -21.68 -8.65 31.94
N LYS D 141 -20.35 -8.56 31.75
CA LYS D 141 -19.45 -8.28 32.87
C LYS D 141 -19.78 -6.97 33.58
N PRO D 142 -19.96 -5.84 32.90
CA PRO D 142 -20.32 -4.63 33.65
C PRO D 142 -21.72 -4.69 34.24
N ILE D 143 -22.69 -5.32 33.57
CA ILE D 143 -23.99 -5.50 34.19
C ILE D 143 -23.86 -6.22 35.53
N ILE D 144 -23.05 -7.28 35.56
CA ILE D 144 -22.84 -8.05 36.77
C ILE D 144 -22.19 -7.20 37.86
N ALA D 145 -21.23 -6.35 37.48
CA ALA D 145 -20.65 -5.43 38.44
C ALA D 145 -21.72 -4.61 39.14
N VAL D 146 -22.72 -4.15 38.38
CA VAL D 146 -23.77 -3.29 38.95
C VAL D 146 -24.58 -4.04 39.99
N PHE D 147 -24.96 -5.28 39.69
CA PHE D 147 -25.82 -6.05 40.59
C PHE D 147 -25.06 -6.74 41.71
N GLU D 148 -23.75 -6.93 41.57
CA GLU D 148 -22.89 -7.19 42.72
C GLU D 148 -23.06 -6.09 43.78
N LYS D 149 -22.86 -4.83 43.38
CA LYS D 149 -22.95 -3.76 44.37
C LYS D 149 -24.33 -3.68 44.99
N GLN D 150 -25.38 -4.08 44.25
CA GLN D 150 -26.74 -4.05 44.78
C GLN D 150 -27.14 -5.32 45.49
N ARG D 151 -26.27 -6.33 45.51
CA ARG D 151 -26.57 -7.61 46.16
C ARG D 151 -27.85 -8.24 45.61
N ASP D 152 -28.06 -8.10 44.31
CA ASP D 152 -29.25 -8.65 43.66
C ASP D 152 -28.89 -10.04 43.16
N PHE D 153 -28.97 -11.01 44.08
CA PHE D 153 -28.43 -12.33 43.79
C PHE D 153 -29.32 -13.10 42.82
N LYS D 154 -30.62 -12.79 42.75
CA LYS D 154 -31.43 -13.44 41.72
C LYS D 154 -31.02 -12.95 40.32
N LYS D 155 -30.84 -11.64 40.16
CA LYS D 155 -30.35 -11.12 38.89
C LYS D 155 -28.99 -11.69 38.53
N LEU D 156 -28.06 -11.75 39.50
CA LEU D 156 -26.73 -12.33 39.25
C LEU D 156 -26.85 -13.78 38.81
N SER D 157 -27.77 -14.53 39.40
CA SER D 157 -28.03 -15.90 38.96
C SER D 157 -28.49 -15.93 37.50
N ASP D 158 -29.34 -14.97 37.09
CA ASP D 158 -29.83 -14.94 35.71
C ASP D 158 -28.71 -14.59 34.73
N LEU D 159 -27.87 -13.61 35.08
CA LEU D 159 -26.84 -13.18 34.15
C LEU D 159 -25.84 -14.32 33.89
N TYR D 160 -25.32 -14.94 34.96
CA TYR D 160 -24.40 -16.06 34.76
C TYR D 160 -25.09 -17.20 34.03
N TYR D 161 -26.38 -17.40 34.27
CA TYR D 161 -27.12 -18.41 33.52
C TYR D 161 -27.22 -18.01 32.03
N ASP D 162 -27.38 -16.71 31.73
CA ASP D 162 -27.33 -16.27 30.35
C ASP D 162 -25.96 -16.51 29.72
N ILE D 163 -24.88 -16.26 30.46
CA ILE D 163 -23.56 -16.55 29.88
C ILE D 163 -23.41 -18.04 29.63
N HIS D 164 -23.99 -18.87 30.52
CA HIS D 164 -23.93 -20.31 30.34
C HIS D 164 -24.66 -20.76 29.08
N ARG D 165 -25.86 -20.22 28.83
CA ARG D 165 -26.60 -20.56 27.60
C ARG D 165 -25.81 -20.18 26.36
N SER D 166 -25.11 -19.03 26.39
CA SER D 166 -24.39 -18.60 25.20
C SER D 166 -23.18 -19.50 24.93
N TYR D 167 -22.53 -20.00 25.97
CA TYR D 167 -21.41 -20.91 25.75
C TYR D 167 -21.90 -22.29 25.36
N LEU D 168 -23.09 -22.66 25.84
CA LEU D 168 -23.70 -23.91 25.38
C LEU D 168 -24.06 -23.83 23.90
N LYS D 169 -24.57 -22.68 23.45
CA LYS D 169 -24.89 -22.53 22.04
C LYS D 169 -23.62 -22.57 21.19
N VAL D 170 -22.55 -21.89 21.64
CA VAL D 170 -21.28 -21.97 20.90
C VAL D 170 -20.82 -23.41 20.78
N ALA D 171 -20.93 -24.18 21.85
CA ALA D 171 -20.47 -25.56 21.82
C ALA D 171 -21.24 -26.37 20.76
N GLU D 172 -22.51 -26.10 20.57
CA GLU D 172 -23.27 -26.87 19.58
C GLU D 172 -23.02 -26.44 18.13
N VAL D 173 -22.49 -25.24 17.89
CA VAL D 173 -22.42 -24.75 16.50
C VAL D 173 -21.03 -24.36 16.07
N VAL D 174 -20.07 -24.33 17.00
CA VAL D 174 -18.75 -23.76 16.67
C VAL D 174 -18.10 -24.60 15.57
N ASN D 175 -17.39 -23.93 14.66
CA ASN D 175 -16.62 -24.58 13.58
C ASN D 175 -17.46 -25.62 12.85
N SER D 176 -18.68 -25.24 12.51
CA SER D 176 -19.56 -26.12 11.77
C SER D 176 -20.06 -25.48 10.50
N GLU D 177 -19.73 -24.22 10.25
CA GLU D 177 -20.29 -23.41 9.16
C GLU D 177 -21.79 -23.28 9.25
N LYS D 178 -22.41 -23.64 10.38
CA LYS D 178 -23.81 -23.29 10.57
C LYS D 178 -23.97 -21.79 10.75
N ARG D 179 -22.90 -21.11 11.17
CA ARG D 179 -22.88 -19.67 11.30
C ARG D 179 -22.19 -19.09 10.07
N LEU D 180 -22.88 -18.19 9.39
CA LEU D 180 -22.37 -17.50 8.21
C LEU D 180 -22.34 -16.01 8.54
N PHE D 181 -21.18 -15.53 9.00
CA PHE D 181 -21.10 -14.16 9.45
C PHE D 181 -21.05 -13.13 8.33
N GLY D 182 -20.73 -13.53 7.09
CA GLY D 182 -20.62 -12.56 6.01
C GLY D 182 -19.49 -12.79 5.02
N ARG D 183 -19.61 -12.14 3.86
CA ARG D 183 -18.55 -12.09 2.87
C ARG D 183 -18.12 -10.65 2.69
N TYR D 184 -16.84 -10.43 2.43
CA TYR D 184 -16.29 -9.08 2.36
C TYR D 184 -15.89 -8.74 0.95
N TYR D 185 -16.12 -7.49 0.54
CA TYR D 185 -15.79 -7.03 -0.80
C TYR D 185 -15.09 -5.67 -0.75
N ARG D 186 -13.96 -5.56 -1.45
CA ARG D 186 -13.42 -4.24 -1.78
C ARG D 186 -14.29 -3.58 -2.84
N VAL D 187 -14.73 -2.36 -2.56
CA VAL D 187 -15.55 -1.56 -3.46
C VAL D 187 -14.95 -0.17 -3.56
N ALA D 188 -14.68 0.28 -4.80
CA ALA D 188 -14.01 1.55 -5.05
C ALA D 188 -14.73 2.34 -6.15
N PHE D 189 -14.84 3.65 -5.94
CA PHE D 189 -15.67 4.52 -6.76
C PHE D 189 -14.81 5.52 -7.54
N TYR D 190 -14.92 5.48 -8.87
CA TYR D 190 -14.27 6.47 -9.74
C TYR D 190 -15.30 7.05 -10.70
N GLY D 191 -15.54 8.35 -10.57
CA GLY D 191 -16.51 9.08 -11.38
C GLY D 191 -16.53 10.55 -10.95
N GLN D 192 -15.45 11.28 -11.29
CA GLN D 192 -15.26 12.62 -10.76
C GLN D 192 -16.50 13.50 -10.95
N GLY D 193 -17.18 13.34 -12.08
CA GLY D 193 -18.40 14.08 -12.28
C GLY D 193 -19.64 13.54 -11.58
N PHE D 194 -19.61 12.33 -11.02
CA PHE D 194 -20.83 11.66 -10.55
C PHE D 194 -20.90 11.49 -9.04
N PHE D 195 -19.84 11.02 -8.40
CA PHE D 195 -19.94 10.56 -7.03
C PHE D 195 -19.76 11.72 -6.05
N GLU D 196 -20.63 11.76 -5.04
CA GLU D 196 -20.55 12.78 -3.99
C GLU D 196 -19.41 12.48 -3.02
N GLU D 197 -19.74 11.88 -1.88
CA GLU D 197 -18.71 11.65 -0.87
C GLU D 197 -17.79 10.47 -1.21
N GLU D 198 -18.22 9.56 -2.08
CA GLU D 198 -17.43 8.34 -2.30
C GLU D 198 -16.30 8.49 -3.32
N GLU D 199 -16.26 9.58 -4.09
CA GLU D 199 -15.37 9.68 -5.26
C GLU D 199 -13.92 9.50 -4.87
N GLY D 200 -13.27 8.55 -5.52
CA GLY D 200 -11.86 8.29 -5.28
C GLY D 200 -11.56 7.71 -3.92
N LYS D 201 -12.52 6.96 -3.34
CA LYS D 201 -12.32 6.30 -2.06
C LYS D 201 -12.61 4.81 -2.15
N GLU D 202 -12.02 4.07 -1.22
CA GLU D 202 -12.08 2.62 -1.20
C GLU D 202 -12.69 2.15 0.12
N TYR D 203 -13.65 1.26 0.04
CA TYR D 203 -14.29 0.74 1.24
C TYR D 203 -14.19 -0.79 1.25
N ILE D 204 -14.34 -1.38 2.44
CA ILE D 204 -14.68 -2.80 2.54
C ILE D 204 -16.16 -2.92 2.87
N TYR D 205 -16.86 -3.73 2.10
CA TYR D 205 -18.28 -4.02 2.29
C TYR D 205 -18.47 -5.38 2.95
N LYS D 206 -19.17 -5.39 4.08
CA LYS D 206 -19.62 -6.63 4.73
C LYS D 206 -21.05 -6.91 4.26
N GLU D 207 -21.23 -7.97 3.46
CA GLU D 207 -22.41 -8.51 2.81
C GLU D 207 -22.93 -9.74 3.56
N PRO D 208 -24.25 -9.98 3.52
CA PRO D 208 -24.82 -11.08 4.32
C PRO D 208 -24.46 -12.47 3.79
N LYS D 209 -24.22 -13.39 4.74
CA LYS D 209 -24.11 -14.84 4.50
C LYS D 209 -23.09 -15.22 3.44
N LEU D 210 -23.56 -15.65 2.27
CA LEU D 210 -22.69 -16.10 1.18
C LEU D 210 -22.92 -15.29 -0.10
N THR D 211 -23.28 -14.02 0.05
CA THR D 211 -23.44 -13.11 -1.09
C THR D 211 -22.25 -13.18 -2.05
N GLY D 212 -22.52 -13.56 -3.30
CA GLY D 212 -21.44 -13.76 -4.26
C GLY D 212 -21.09 -12.49 -5.03
N LEU D 213 -19.96 -12.59 -5.77
CA LEU D 213 -19.52 -11.49 -6.63
C LEU D 213 -20.64 -10.97 -7.54
N SER D 214 -21.41 -11.88 -8.14
CA SER D 214 -22.47 -11.47 -9.06
C SER D 214 -23.55 -10.67 -8.35
N GLU D 215 -23.87 -11.02 -7.09
CA GLU D 215 -24.97 -10.37 -6.40
C GLU D 215 -24.59 -8.94 -5.99
N ILE D 216 -23.42 -8.74 -5.39
CA ILE D 216 -23.12 -7.39 -4.93
C ILE D 216 -22.80 -6.47 -6.11
N SER D 217 -22.15 -6.99 -7.16
CA SER D 217 -21.85 -6.14 -8.31
C SER D 217 -23.11 -5.61 -8.97
N GLN D 218 -24.10 -6.48 -9.20
CA GLN D 218 -25.30 -6.03 -9.89
C GLN D 218 -26.14 -5.13 -9.00
N ARG D 219 -26.21 -5.42 -7.72
CA ARG D 219 -26.88 -4.52 -6.79
C ARG D 219 -26.23 -3.14 -6.82
N LEU D 220 -24.89 -3.08 -6.73
CA LEU D 220 -24.20 -1.79 -6.80
C LEU D 220 -24.42 -1.15 -8.16
N LEU D 221 -24.37 -1.96 -9.22
CA LEU D 221 -24.61 -1.46 -10.57
C LEU D 221 -25.96 -0.73 -10.63
N LYS D 222 -27.03 -1.39 -10.19
CA LYS D 222 -28.35 -0.83 -10.37
C LYS D 222 -28.66 0.28 -9.36
N LEU D 223 -28.03 0.27 -8.19
CA LEU D 223 -28.21 1.40 -7.29
C LEU D 223 -27.68 2.68 -7.93
N TYR D 224 -26.45 2.63 -8.44
CA TYR D 224 -25.85 3.84 -8.99
C TYR D 224 -26.25 4.08 -10.44
N ALA D 225 -26.76 3.06 -11.16
CA ALA D 225 -27.40 3.31 -12.44
C ALA D 225 -28.76 3.98 -12.28
N ASP D 226 -29.32 3.98 -11.07
CA ASP D 226 -30.56 4.68 -10.79
C ASP D 226 -30.30 6.12 -10.39
N LYS D 227 -29.22 6.36 -9.66
CA LYS D 227 -28.83 7.73 -9.33
C LYS D 227 -28.24 8.42 -10.55
N PHE D 228 -27.48 7.69 -11.39
CA PHE D 228 -26.87 8.22 -12.60
C PHE D 228 -27.58 7.63 -13.82
N GLY D 229 -27.07 7.94 -15.01
CA GLY D 229 -27.59 7.34 -16.22
C GLY D 229 -27.23 5.88 -16.29
N ALA D 230 -28.24 5.02 -16.46
CA ALA D 230 -28.01 3.59 -16.64
C ALA D 230 -26.99 3.29 -17.73
N ASP D 231 -26.83 4.20 -18.69
CA ASP D 231 -25.80 4.08 -19.72
C ASP D 231 -24.47 4.73 -19.32
N ASN D 232 -24.34 5.21 -18.08
CA ASN D 232 -23.14 5.92 -17.63
C ASN D 232 -22.43 5.24 -16.44
N VAL D 233 -22.74 3.96 -16.17
CA VAL D 233 -22.25 3.22 -15.00
C VAL D 233 -21.60 1.92 -15.46
N LYS D 234 -20.33 1.72 -15.09
CA LYS D 234 -19.60 0.53 -15.50
C LYS D 234 -18.88 -0.08 -14.30
N ILE D 235 -18.71 -1.40 -14.35
CA ILE D 235 -18.05 -2.16 -13.29
C ILE D 235 -16.62 -2.45 -13.72
N ILE D 236 -15.65 -2.00 -12.94
CA ILE D 236 -14.24 -2.29 -13.18
C ILE D 236 -13.96 -3.71 -12.68
N GLN D 237 -13.76 -4.65 -13.60
CA GLN D 237 -13.47 -6.01 -13.20
C GLN D 237 -12.03 -6.19 -12.76
N ASP D 238 -11.13 -5.36 -13.29
CA ASP D 238 -9.70 -5.48 -12.96
C ASP D 238 -9.47 -5.20 -11.47
N SER D 239 -8.71 -6.07 -10.83
CA SER D 239 -8.47 -5.94 -9.40
C SER D 239 -7.21 -5.13 -9.05
N ASN D 240 -6.36 -4.80 -10.04
CA ASN D 240 -5.20 -3.92 -9.80
C ASN D 240 -5.66 -2.52 -9.37
N LYS D 241 -4.76 -1.78 -8.70
CA LYS D 241 -5.09 -0.42 -8.26
C LYS D 241 -5.43 0.45 -9.46
N VAL D 242 -6.62 1.05 -9.44
CA VAL D 242 -7.08 1.78 -10.62
C VAL D 242 -6.23 3.04 -10.80
N ASN D 243 -5.81 3.28 -12.04
CA ASN D 243 -5.17 4.52 -12.45
C ASN D 243 -6.22 5.36 -13.18
N PRO D 244 -6.63 6.51 -12.63
CA PRO D 244 -7.77 7.23 -13.23
C PRO D 244 -7.54 7.67 -14.67
N LYS D 245 -6.30 7.93 -15.05
CA LYS D 245 -6.03 8.41 -16.41
C LYS D 245 -6.70 7.53 -17.45
N ASP D 246 -6.62 6.20 -17.28
CA ASP D 246 -7.21 5.31 -18.27
C ASP D 246 -8.73 5.28 -18.23
N LEU D 247 -9.37 6.07 -17.38
CA LEU D 247 -10.82 6.06 -17.29
C LEU D 247 -11.42 7.18 -18.14
N ASP D 248 -12.52 6.88 -18.81
CA ASP D 248 -13.25 7.87 -19.60
C ASP D 248 -14.18 8.66 -18.70
N PRO D 249 -14.07 9.99 -18.64
CA PRO D 249 -14.96 10.78 -17.75
C PRO D 249 -16.44 10.66 -18.11
N LYS D 250 -16.78 10.08 -19.26
CA LYS D 250 -18.18 9.98 -19.63
C LYS D 250 -18.95 9.05 -18.70
N TYR D 251 -18.27 8.09 -18.07
CA TYR D 251 -18.95 7.03 -17.34
C TYR D 251 -18.53 7.03 -15.88
N ALA D 252 -19.34 6.39 -15.06
CA ALA D 252 -19.05 6.19 -13.64
C ALA D 252 -18.61 4.74 -13.41
N TYR D 253 -17.57 4.58 -12.59
CA TYR D 253 -16.91 3.30 -12.39
C TYR D 253 -17.00 2.85 -10.94
N ILE D 254 -17.34 1.59 -10.76
CA ILE D 254 -17.35 0.93 -9.46
C ILE D 254 -16.48 -0.32 -9.60
N GLN D 255 -15.32 -0.33 -8.92
CA GLN D 255 -14.44 -1.49 -8.88
C GLN D 255 -14.82 -2.38 -7.70
N VAL D 256 -15.00 -3.68 -7.96
CA VAL D 256 -15.56 -4.63 -7.01
C VAL D 256 -14.69 -5.88 -6.98
N THR D 257 -14.11 -6.20 -5.82
CA THR D 257 -13.19 -7.32 -5.67
C THR D 257 -13.48 -8.08 -4.38
N TYR D 258 -13.69 -9.39 -4.49
CA TYR D 258 -13.79 -10.24 -3.31
C TYR D 258 -12.50 -10.20 -2.50
N VAL D 259 -12.66 -10.06 -1.19
CA VAL D 259 -11.52 -10.14 -0.28
C VAL D 259 -11.88 -11.10 0.83
N THR D 260 -10.88 -11.40 1.65
CA THR D 260 -11.08 -12.35 2.72
C THR D 260 -10.22 -11.89 3.89
N PRO D 261 -10.67 -12.09 5.13
CA PRO D 261 -9.95 -11.53 6.28
C PRO D 261 -8.55 -12.12 6.38
N PHE D 262 -7.57 -11.27 6.59
CA PHE D 262 -6.16 -11.64 6.47
C PHE D 262 -5.50 -11.77 7.83
N PHE D 263 -4.71 -12.83 8.00
CA PHE D 263 -3.97 -13.05 9.23
C PHE D 263 -2.59 -13.57 8.90
N GLU D 264 -1.55 -13.02 9.54
CA GLU D 264 -0.23 -13.58 9.32
C GLU D 264 0.04 -14.74 10.29
N GLU D 265 1.19 -15.39 10.08
CA GLU D 265 1.53 -16.62 10.81
C GLU D 265 1.41 -16.46 12.32
N LYS D 266 1.88 -15.32 12.86
CA LYS D 266 1.71 -15.06 14.29
C LYS D 266 0.26 -15.12 14.72
N GLU D 267 -0.62 -14.50 13.94
CA GLU D 267 -2.02 -14.34 14.36
C GLU D 267 -2.76 -15.66 14.33
N ILE D 268 -2.47 -16.52 13.35
CA ILE D 268 -3.30 -17.70 13.10
C ILE D 268 -3.48 -18.57 14.36
N GLU D 269 -2.57 -18.44 15.33
CA GLU D 269 -2.79 -19.06 16.63
C GLU D 269 -4.06 -18.52 17.28
N ASP D 270 -4.12 -17.20 17.50
CA ASP D 270 -5.25 -16.45 18.08
C ASP D 270 -6.51 -16.47 17.19
N ARG D 271 -6.65 -17.24 16.10
CA ARG D 271 -7.79 -17.11 15.20
C ARG D 271 -8.27 -18.52 14.87
N LYS D 272 -8.90 -19.16 15.84
CA LYS D 272 -9.11 -20.59 15.78
C LYS D 272 -10.49 -20.98 15.29
N THR D 273 -11.52 -20.16 15.52
CA THR D 273 -12.90 -20.55 15.22
C THR D 273 -13.53 -19.65 14.15
N ASP D 274 -14.71 -20.06 13.67
CA ASP D 274 -15.43 -19.25 12.69
C ASP D 274 -15.73 -17.86 13.24
N PHE D 275 -16.13 -17.77 14.51
CA PHE D 275 -16.38 -16.47 15.11
C PHE D 275 -15.11 -15.64 15.21
N GLU D 276 -13.97 -16.28 15.49
CA GLU D 276 -12.75 -15.52 15.71
C GLU D 276 -12.21 -14.91 14.42
N MET D 277 -12.48 -15.54 13.30
CA MET D 277 -12.03 -14.97 12.04
C MET D 277 -12.95 -13.89 11.51
N HIS D 278 -14.11 -13.68 12.15
CA HIS D 278 -15.01 -12.59 11.81
C HIS D 278 -15.13 -11.57 12.93
N HIS D 279 -14.24 -11.59 13.93
CA HIS D 279 -14.44 -10.68 15.04
C HIS D 279 -13.24 -9.77 15.27
N ASN D 280 -13.52 -8.46 15.31
CA ASN D 280 -12.53 -7.41 15.45
C ASN D 280 -11.40 -7.60 14.45
N ILE D 281 -11.77 -7.51 13.19
CA ILE D 281 -10.85 -7.67 12.08
C ILE D 281 -10.83 -6.37 11.29
N ASN D 282 -9.63 -5.99 10.84
CA ASN D 282 -9.53 -4.82 9.98
C ASN D 282 -8.59 -5.04 8.81
N ARG D 283 -8.07 -6.25 8.60
CA ARG D 283 -7.18 -6.50 7.47
C ARG D 283 -7.80 -7.52 6.52
N PHE D 284 -7.75 -7.22 5.23
CA PHE D 284 -8.38 -8.03 4.19
C PHE D 284 -7.40 -8.20 3.03
N VAL D 285 -7.37 -9.39 2.46
CA VAL D 285 -6.38 -9.79 1.47
C VAL D 285 -7.08 -10.23 0.18
N PHE D 286 -6.45 -9.92 -0.95
CA PHE D 286 -6.81 -10.51 -2.24
C PHE D 286 -5.54 -10.63 -3.07
N GLU D 287 -5.53 -11.59 -3.99
CA GLU D 287 -4.36 -11.80 -4.82
C GLU D 287 -4.71 -11.52 -6.28
N THR D 288 -3.74 -10.95 -7.00
CA THR D 288 -3.91 -10.63 -8.41
C THR D 288 -2.84 -11.29 -9.25
N PRO D 289 -3.20 -12.01 -10.30
CA PRO D 289 -2.17 -12.64 -11.13
C PRO D 289 -1.46 -11.61 -12.02
N PHE D 290 -0.18 -11.84 -12.23
CA PHE D 290 0.55 -11.14 -13.28
C PHE D 290 1.75 -12.00 -13.68
N THR D 291 2.25 -11.77 -14.88
CA THR D 291 3.38 -12.54 -15.39
C THR D 291 4.65 -11.73 -15.29
N LEU D 292 5.79 -12.44 -15.31
CA LEU D 292 7.10 -11.77 -15.36
C LEU D 292 7.16 -10.69 -16.43
N SER D 293 6.37 -10.81 -17.50
CA SER D 293 6.39 -9.85 -18.59
C SER D 293 5.28 -8.80 -18.51
N GLY D 294 4.31 -8.96 -17.62
CA GLY D 294 3.31 -7.93 -17.41
C GLY D 294 1.90 -8.28 -17.80
N LYS D 295 1.68 -9.44 -18.41
CA LYS D 295 0.29 -9.87 -18.65
C LYS D 295 -0.29 -10.48 -17.38
N LYS D 296 -1.53 -10.91 -17.44
CA LYS D 296 -2.15 -11.51 -16.25
C LYS D 296 -1.86 -13.00 -16.13
N HIS D 297 -2.17 -13.77 -17.17
CA HIS D 297 -2.03 -15.22 -17.16
C HIS D 297 -0.89 -15.68 -18.07
N GLY D 298 -0.16 -16.69 -17.61
CA GLY D 298 0.89 -17.33 -18.37
C GLY D 298 1.14 -18.71 -17.79
N GLY D 299 2.23 -19.34 -18.25
CA GLY D 299 2.61 -20.65 -17.74
C GLY D 299 3.21 -20.58 -16.35
N VAL D 300 3.33 -21.76 -15.73
CA VAL D 300 3.67 -21.80 -14.31
C VAL D 300 5.05 -21.19 -14.08
N ALA D 301 5.94 -21.25 -15.06
CA ALA D 301 7.29 -20.73 -14.93
C ALA D 301 7.38 -19.20 -15.04
N GLU D 302 6.29 -18.54 -15.43
CA GLU D 302 6.24 -17.08 -15.50
C GLU D 302 5.13 -16.49 -14.64
N GLN D 303 4.33 -17.32 -13.98
CA GLN D 303 3.12 -16.88 -13.31
C GLN D 303 3.48 -16.34 -11.92
N CYS D 304 3.33 -15.04 -11.76
CA CYS D 304 3.48 -14.30 -10.51
C CYS D 304 2.13 -14.02 -9.91
N LYS D 305 2.15 -13.36 -8.75
CA LYS D 305 0.98 -13.15 -7.94
C LYS D 305 1.30 -11.96 -7.06
N ARG D 306 0.46 -10.93 -7.11
CA ARG D 306 0.55 -9.82 -6.16
C ARG D 306 -0.50 -10.02 -5.06
N ARG D 307 -0.05 -9.96 -3.80
CA ARG D 307 -0.89 -10.08 -2.64
C ARG D 307 -1.09 -8.69 -2.03
N THR D 308 -2.33 -8.21 -2.00
CA THR D 308 -2.64 -6.88 -1.47
C THR D 308 -3.38 -7.00 -0.14
N ILE D 309 -2.94 -6.27 0.86
CA ILE D 309 -3.61 -6.25 2.16
C ILE D 309 -4.19 -4.87 2.39
N LEU D 310 -5.51 -4.80 2.48
CA LEU D 310 -6.24 -3.59 2.81
C LEU D 310 -6.56 -3.54 4.30
N THR D 311 -6.42 -2.34 4.89
CA THR D 311 -6.76 -2.08 6.28
C THR D 311 -7.79 -0.96 6.35
N THR D 312 -8.88 -1.20 7.10
CA THR D 312 -9.99 -0.26 7.24
C THR D 312 -9.82 0.66 8.46
N SER D 313 -10.51 1.80 8.44
CA SER D 313 -10.39 2.77 9.54
C SER D 313 -10.86 2.21 10.88
N HIS D 314 -11.89 1.37 10.89
CA HIS D 314 -12.38 0.72 12.10
C HIS D 314 -12.49 -0.78 11.86
N LEU D 315 -12.65 -1.52 12.95
CA LEU D 315 -12.75 -2.97 12.88
C LEU D 315 -14.18 -3.42 12.63
N PHE D 316 -14.31 -4.56 11.95
CA PHE D 316 -15.59 -5.25 11.85
C PHE D 316 -15.76 -6.19 13.05
N PRO D 317 -16.95 -6.32 13.64
CA PRO D 317 -18.18 -5.55 13.34
C PRO D 317 -18.12 -4.12 13.92
N TYR D 318 -18.83 -3.22 13.26
CA TYR D 318 -18.82 -1.80 13.58
C TYR D 318 -20.27 -1.31 13.44
N VAL D 319 -20.47 0.01 13.59
CA VAL D 319 -21.82 0.57 13.50
C VAL D 319 -22.28 0.69 12.06
N LYS D 320 -21.42 0.40 11.08
CA LYS D 320 -21.78 0.46 9.66
C LYS D 320 -21.32 -0.81 8.96
N LYS D 321 -22.01 -1.16 7.87
CA LYS D 321 -21.62 -2.30 7.07
C LYS D 321 -20.46 -1.99 6.10
N ARG D 322 -20.14 -0.72 5.85
CA ARG D 322 -19.11 -0.35 4.88
C ARG D 322 -18.11 0.58 5.56
N ILE D 323 -16.84 0.21 5.51
CA ILE D 323 -15.82 0.95 6.23
C ILE D 323 -14.72 1.30 5.24
N GLN D 324 -14.23 2.52 5.35
CA GLN D 324 -13.26 2.99 4.38
C GLN D 324 -11.91 2.33 4.62
N VAL D 325 -11.25 1.97 3.52
CA VAL D 325 -9.86 1.55 3.57
C VAL D 325 -8.97 2.77 3.79
N ILE D 326 -8.13 2.71 4.81
CA ILE D 326 -7.17 3.79 5.04
C ILE D 326 -5.75 3.39 4.69
N SER D 327 -5.52 2.14 4.30
CA SER D 327 -4.17 1.64 4.21
C SER D 327 -4.14 0.44 3.29
N GLN D 328 -3.05 0.31 2.55
CA GLN D 328 -2.85 -0.92 1.81
C GLN D 328 -1.38 -1.12 1.51
N SER D 329 -0.89 -2.31 1.83
CA SER D 329 0.42 -2.76 1.41
C SER D 329 0.27 -3.92 0.42
N SER D 330 1.35 -4.20 -0.29
CA SER D 330 1.29 -5.25 -1.28
C SER D 330 2.67 -5.83 -1.46
N THR D 331 2.71 -7.12 -1.76
CA THR D 331 3.95 -7.83 -1.96
C THR D 331 3.80 -8.67 -3.22
N GLU D 332 4.93 -9.01 -3.82
CA GLU D 332 4.95 -9.75 -5.06
C GLU D 332 5.59 -11.10 -4.84
N LEU D 333 5.00 -12.13 -5.43
CA LEU D 333 5.48 -13.51 -5.36
C LEU D 333 5.88 -13.94 -6.78
N ASN D 334 7.17 -14.25 -6.95
CA ASN D 334 7.69 -14.79 -8.21
C ASN D 334 7.15 -16.22 -8.39
N PRO D 335 7.34 -16.84 -9.56
CA PRO D 335 6.69 -18.16 -9.78
C PRO D 335 7.06 -19.25 -8.77
N ILE D 336 8.30 -19.33 -8.30
CA ILE D 336 8.57 -20.42 -7.36
C ILE D 336 7.84 -20.16 -6.04
N GLU D 337 7.64 -18.89 -5.68
CA GLU D 337 6.92 -18.57 -4.45
C GLU D 337 5.44 -18.84 -4.60
N VAL D 338 4.92 -18.75 -5.83
CA VAL D 338 3.54 -19.13 -6.07
C VAL D 338 3.38 -20.64 -5.91
N ALA D 339 4.29 -21.41 -6.46
CA ALA D 339 4.25 -22.86 -6.32
C ALA D 339 4.31 -23.28 -4.85
N ILE D 340 5.27 -22.72 -4.09
CA ILE D 340 5.35 -23.01 -2.66
C ILE D 340 4.03 -22.69 -1.95
N ASP D 341 3.42 -21.55 -2.28
CA ASP D 341 2.14 -21.19 -1.70
C ASP D 341 1.07 -22.22 -2.05
N GLU D 342 0.97 -22.60 -3.32
CA GLU D 342 -0.09 -23.53 -3.73
C GLU D 342 0.15 -24.93 -3.17
N MET D 343 1.39 -25.41 -3.22
CA MET D 343 1.72 -26.73 -2.71
C MET D 343 1.47 -26.83 -1.19
N SER D 344 1.79 -25.76 -0.44
CA SER D 344 1.50 -25.77 1.00
C SER D 344 0.02 -25.85 1.28
N LYS D 345 -0.76 -25.04 0.58
CA LYS D 345 -2.20 -25.08 0.77
C LYS D 345 -2.71 -26.49 0.59
N LYS D 346 -2.34 -27.12 -0.53
CA LYS D 346 -2.85 -28.43 -0.89
C LYS D 346 -2.47 -29.48 0.15
N VAL D 347 -1.22 -29.48 0.61
CA VAL D 347 -0.79 -30.39 1.67
C VAL D 347 -1.66 -30.21 2.89
N SER D 348 -1.82 -28.96 3.32
CA SER D 348 -2.61 -28.67 4.49
C SER D 348 -4.06 -29.09 4.30
N GLU D 349 -4.64 -28.76 3.14
CA GLU D 349 -5.98 -29.20 2.81
C GLU D 349 -6.13 -30.72 2.96
N LEU D 350 -5.24 -31.46 2.28
CA LEU D 350 -5.30 -32.90 2.31
C LEU D 350 -5.10 -33.44 3.72
N ASN D 351 -4.17 -32.86 4.48
CA ASN D 351 -3.92 -33.35 5.82
C ASN D 351 -5.16 -33.25 6.70
N GLN D 352 -5.90 -32.14 6.61
CA GLN D 352 -7.03 -32.01 7.52
C GLN D 352 -8.27 -32.72 7.01
N LEU D 353 -8.36 -33.03 5.71
CA LEU D 353 -9.44 -33.92 5.30
C LEU D 353 -9.21 -35.33 5.85
N CYS D 354 -7.97 -35.71 6.10
CA CYS D 354 -7.67 -36.99 6.73
C CYS D 354 -7.85 -36.95 8.25
N THR D 355 -7.62 -35.77 8.86
CA THR D 355 -7.70 -35.57 10.29
C THR D 355 -9.12 -35.61 10.83
N MET D 356 -10.11 -35.54 9.94
CA MET D 356 -11.49 -35.28 10.36
C MET D 356 -11.99 -36.41 11.25
N GLU D 357 -12.79 -36.04 12.26
CA GLU D 357 -13.44 -37.04 13.10
C GLU D 357 -14.28 -38.00 12.26
N GLU D 358 -15.07 -37.47 11.32
CA GLU D 358 -15.82 -38.26 10.34
C GLU D 358 -15.48 -37.78 8.93
N VAL D 359 -14.64 -38.54 8.24
CA VAL D 359 -14.13 -38.10 6.95
C VAL D 359 -15.24 -38.02 5.92
N ASP D 360 -15.37 -36.86 5.28
CA ASP D 360 -16.23 -36.67 4.11
C ASP D 360 -15.58 -37.36 2.92
N MET D 361 -16.19 -38.44 2.44
CA MET D 361 -15.58 -39.23 1.38
C MET D 361 -15.57 -38.48 0.06
N ILE D 362 -16.61 -37.71 -0.22
CA ILE D 362 -16.65 -37.04 -1.51
C ILE D 362 -15.63 -35.90 -1.55
N ARG D 363 -15.44 -35.19 -0.43
CA ARG D 363 -14.49 -34.09 -0.43
C ARG D 363 -13.07 -34.60 -0.51
N LEU D 364 -12.79 -35.68 0.21
CA LEU D 364 -11.48 -36.31 0.15
C LEU D 364 -11.21 -36.82 -1.26
N GLN D 365 -12.24 -37.31 -1.94
CA GLN D 365 -12.03 -37.86 -3.27
C GLN D 365 -11.83 -36.75 -4.28
N LEU D 366 -12.64 -35.69 -4.18
CA LEU D 366 -12.48 -34.53 -5.02
C LEU D 366 -11.05 -34.00 -4.97
N LYS D 367 -10.49 -33.92 -3.76
CA LYS D 367 -9.17 -33.33 -3.57
C LYS D 367 -8.05 -34.27 -3.97
N LEU D 368 -8.19 -35.56 -3.67
CA LEU D 368 -7.14 -36.51 -4.01
C LEU D 368 -7.09 -36.77 -5.52
N GLN D 369 -8.25 -36.85 -6.18
CA GLN D 369 -8.24 -37.05 -7.62
C GLN D 369 -7.69 -35.82 -8.34
N GLY D 370 -8.05 -34.62 -7.88
CA GLY D 370 -7.50 -33.38 -8.38
C GLY D 370 -6.04 -33.13 -8.05
N SER D 371 -5.41 -34.03 -7.29
CA SER D 371 -3.98 -33.98 -6.98
C SER D 371 -3.16 -35.03 -7.74
N VAL D 372 -3.57 -36.29 -7.69
CA VAL D 372 -2.76 -37.38 -8.23
C VAL D 372 -3.19 -37.79 -9.63
N SER D 373 -4.27 -37.24 -10.16
CA SER D 373 -4.74 -37.59 -11.50
C SER D 373 -5.35 -36.38 -12.18
N VAL D 374 -4.61 -35.27 -12.20
CA VAL D 374 -5.03 -34.09 -12.94
C VAL D 374 -4.98 -34.40 -14.44
N LYS D 375 -6.02 -33.98 -15.16
CA LYS D 375 -6.06 -34.16 -16.61
C LYS D 375 -6.48 -32.92 -17.36
N VAL D 376 -7.17 -31.98 -16.73
CA VAL D 376 -7.50 -30.73 -17.41
C VAL D 376 -6.41 -29.70 -17.21
N ASN D 377 -6.06 -29.44 -15.95
CA ASN D 377 -5.06 -28.45 -15.62
C ASN D 377 -3.67 -29.08 -15.70
N ALA D 378 -2.63 -28.30 -15.33
CA ALA D 378 -1.24 -28.73 -15.59
C ALA D 378 -0.77 -29.84 -14.66
N GLY D 379 -1.33 -29.96 -13.46
CA GLY D 379 -0.89 -30.96 -12.51
C GLY D 379 0.31 -30.51 -11.70
N PRO D 380 0.37 -30.91 -10.44
CA PRO D 380 1.49 -30.47 -9.58
C PRO D 380 2.87 -30.80 -10.15
N MET D 381 2.97 -31.80 -11.02
CA MET D 381 4.26 -32.12 -11.63
C MET D 381 4.76 -31.00 -12.52
N ALA D 382 3.87 -30.12 -12.98
CA ALA D 382 4.34 -28.97 -13.75
C ALA D 382 5.18 -28.06 -12.88
N TYR D 383 4.90 -28.03 -11.57
CA TYR D 383 5.72 -27.23 -10.64
C TYR D 383 7.09 -27.87 -10.44
N ALA D 384 7.12 -29.19 -10.28
CA ALA D 384 8.38 -29.90 -10.07
C ALA D 384 9.30 -29.75 -11.29
N ARG D 385 8.76 -29.95 -12.48
CA ARG D 385 9.54 -29.77 -13.69
C ARG D 385 10.12 -28.36 -13.77
N ALA D 386 9.29 -27.35 -13.50
CA ALA D 386 9.71 -25.99 -13.77
C ALA D 386 10.71 -25.48 -12.73
N PHE D 387 10.65 -25.99 -11.50
CA PHE D 387 11.42 -25.44 -10.40
C PHE D 387 12.35 -26.42 -9.70
N LEU D 388 12.11 -27.74 -9.78
CA LEU D 388 12.96 -28.68 -9.08
C LEU D 388 13.99 -29.38 -9.96
N GLU D 389 13.70 -29.60 -11.24
CA GLU D 389 14.69 -30.18 -12.14
C GLU D 389 15.99 -29.39 -12.08
N GLU D 390 17.12 -30.09 -12.21
CA GLU D 390 18.41 -29.49 -11.89
C GLU D 390 18.66 -28.22 -12.70
N THR D 391 18.41 -28.27 -14.02
CA THR D 391 18.75 -27.14 -14.88
C THR D 391 17.90 -25.92 -14.57
N ASN D 392 16.59 -26.11 -14.37
CA ASN D 392 15.74 -24.98 -14.05
C ASN D 392 15.95 -24.49 -12.63
N ALA D 393 16.35 -25.38 -11.72
CA ALA D 393 16.47 -24.97 -10.32
C ALA D 393 17.57 -23.95 -10.13
N LYS D 394 18.59 -23.94 -10.98
CA LYS D 394 19.71 -23.02 -10.82
C LYS D 394 19.32 -21.56 -10.96
N LYS D 395 18.10 -21.26 -11.43
CA LYS D 395 17.62 -19.89 -11.58
C LYS D 395 16.97 -19.34 -10.33
N TYR D 396 16.91 -20.11 -9.25
CA TYR D 396 16.13 -19.68 -8.11
C TYR D 396 16.95 -19.77 -6.84
N PRO D 397 16.64 -18.96 -5.84
CA PRO D 397 17.35 -19.05 -4.56
C PRO D 397 17.42 -20.48 -4.06
N ASP D 398 18.62 -20.89 -3.64
CA ASP D 398 18.84 -22.21 -3.08
C ASP D 398 17.79 -22.57 -2.03
N ASN D 399 17.56 -21.67 -1.06
CA ASN D 399 16.68 -21.98 0.06
C ASN D 399 15.24 -22.21 -0.39
N GLN D 400 14.80 -21.57 -1.47
CA GLN D 400 13.43 -21.76 -1.90
C GLN D 400 13.25 -23.06 -2.65
N VAL D 401 14.27 -23.47 -3.43
CA VAL D 401 14.25 -24.77 -4.05
C VAL D 401 14.25 -25.87 -3.00
N LYS D 402 14.99 -25.68 -1.91
CA LYS D 402 14.98 -26.68 -0.84
C LYS D 402 13.63 -26.71 -0.14
N LEU D 403 13.03 -25.54 0.10
CA LEU D 403 11.73 -25.52 0.76
C LEU D 403 10.66 -26.22 -0.08
N LEU D 404 10.59 -25.91 -1.39
CA LEU D 404 9.60 -26.54 -2.26
C LEU D 404 9.84 -28.05 -2.39
N LYS D 405 11.12 -28.47 -2.37
CA LYS D 405 11.45 -29.90 -2.32
C LYS D 405 10.84 -30.56 -1.09
N GLU D 406 10.98 -29.94 0.08
CA GLU D 406 10.41 -30.51 1.30
C GLU D 406 8.89 -30.58 1.21
N ILE D 407 8.25 -29.51 0.72
CA ILE D 407 6.79 -29.46 0.62
C ILE D 407 6.28 -30.56 -0.30
N PHE D 408 7.02 -30.89 -1.36
CA PHE D 408 6.64 -31.98 -2.24
C PHE D 408 6.80 -33.33 -1.54
N ARG D 409 7.78 -33.44 -0.65
CA ARG D 409 7.86 -34.62 0.18
C ARG D 409 6.61 -34.76 1.05
N GLN D 410 6.24 -33.68 1.74
CA GLN D 410 4.99 -33.68 2.51
C GLN D 410 3.81 -33.99 1.61
N PHE D 411 3.80 -33.42 0.40
CA PHE D 411 2.71 -33.67 -0.53
C PHE D 411 2.63 -35.14 -0.90
N ALA D 412 3.77 -35.79 -1.12
CA ALA D 412 3.76 -37.23 -1.38
C ALA D 412 3.15 -37.99 -0.22
N ASP D 413 3.54 -37.64 1.00
CA ASP D 413 2.97 -38.32 2.16
C ASP D 413 1.48 -38.00 2.29
N ALA D 414 1.06 -36.78 1.98
CA ALA D 414 -0.36 -36.44 2.15
C ALA D 414 -1.23 -37.23 1.19
N CYS D 415 -0.78 -37.38 -0.06
CA CYS D 415 -1.53 -38.12 -1.06
C CYS D 415 -1.65 -39.59 -0.68
N GLY D 416 -0.57 -40.17 -0.16
CA GLY D 416 -0.62 -41.56 0.27
C GLY D 416 -1.55 -41.79 1.45
N GLN D 417 -1.53 -40.88 2.43
CA GLN D 417 -2.43 -41.00 3.57
C GLN D 417 -3.89 -40.83 3.14
N ALA D 418 -4.11 -40.07 2.06
CA ALA D 418 -5.47 -39.88 1.56
C ALA D 418 -5.96 -41.10 0.81
N LEU D 419 -5.06 -41.79 0.12
CA LEU D 419 -5.44 -43.04 -0.54
C LEU D 419 -5.75 -44.12 0.49
N ASP D 420 -4.98 -44.15 1.59
CA ASP D 420 -5.23 -45.11 2.66
C ASP D 420 -6.57 -44.84 3.34
N VAL D 421 -6.87 -43.56 3.64
CA VAL D 421 -8.16 -43.22 4.21
C VAL D 421 -9.28 -43.61 3.25
N ASN D 422 -9.12 -43.28 1.96
CA ASN D 422 -10.19 -43.55 1.00
C ASN D 422 -10.43 -45.05 0.82
N GLU D 423 -9.39 -45.87 0.99
CA GLU D 423 -9.54 -47.31 0.84
C GLU D 423 -10.51 -47.89 1.85
N ARG D 424 -10.59 -47.30 3.04
CA ARG D 424 -11.49 -47.74 4.09
C ARG D 424 -12.90 -47.16 3.96
N LEU D 425 -13.17 -46.32 2.96
CA LEU D 425 -14.49 -45.71 2.81
C LEU D 425 -15.22 -46.15 1.55
N ILE D 426 -14.49 -46.56 0.50
CA ILE D 426 -15.16 -46.93 -0.73
C ILE D 426 -15.98 -48.19 -0.51
N LYS D 427 -17.04 -48.32 -1.30
CA LYS D 427 -17.76 -49.58 -1.43
C LYS D 427 -17.37 -50.23 -2.77
N GLU D 428 -18.03 -51.35 -3.08
CA GLU D 428 -17.65 -52.14 -4.26
C GLU D 428 -17.62 -51.29 -5.53
N ASP D 429 -18.52 -50.32 -5.65
CA ASP D 429 -18.65 -49.56 -6.90
C ASP D 429 -17.43 -48.72 -7.23
N GLN D 430 -16.59 -48.39 -6.23
CA GLN D 430 -15.47 -47.48 -6.43
C GLN D 430 -14.12 -48.16 -6.29
N LEU D 431 -14.08 -49.49 -6.37
CA LEU D 431 -12.81 -50.17 -6.20
C LEU D 431 -11.94 -50.01 -7.42
N GLU D 432 -12.55 -50.05 -8.61
CA GLU D 432 -11.81 -49.74 -9.84
C GLU D 432 -11.26 -48.33 -9.80
N TYR D 433 -12.10 -47.36 -9.42
CA TYR D 433 -11.70 -45.97 -9.26
C TYR D 433 -10.52 -45.83 -8.30
N GLN D 434 -10.56 -46.54 -7.17
CA GLN D 434 -9.45 -46.49 -6.22
C GLN D 434 -8.18 -47.14 -6.76
N GLU D 435 -8.30 -48.20 -7.55
CA GLU D 435 -7.11 -48.78 -8.13
C GLU D 435 -6.43 -47.81 -9.07
N GLU D 436 -7.23 -47.01 -9.79
CA GLU D 436 -6.68 -46.04 -10.75
C GLU D 436 -6.03 -44.84 -10.04
N LEU D 437 -6.61 -44.39 -8.92
CA LEU D 437 -5.95 -43.37 -8.12
C LEU D 437 -4.60 -43.88 -7.62
N ARG D 438 -4.56 -45.13 -7.16
CA ARG D 438 -3.32 -45.70 -6.64
C ARG D 438 -2.27 -45.84 -7.73
N SER D 439 -2.69 -46.20 -8.96
CA SER D 439 -1.69 -46.31 -10.03
C SER D 439 -1.23 -44.96 -10.55
N HIS D 440 -2.11 -43.95 -10.57
CA HIS D 440 -1.68 -42.61 -10.96
C HIS D 440 -0.71 -42.04 -9.93
N TYR D 441 -0.97 -42.28 -8.64
CA TYR D 441 -0.11 -41.77 -7.58
C TYR D 441 1.26 -42.42 -7.58
N LYS D 442 1.34 -43.69 -7.99
CA LYS D 442 2.64 -44.34 -8.14
C LYS D 442 3.44 -43.73 -9.27
N ASP D 443 2.78 -43.48 -10.41
CA ASP D 443 3.45 -42.86 -11.56
C ASP D 443 3.96 -41.47 -11.20
N MET D 444 3.14 -40.67 -10.50
CA MET D 444 3.60 -39.35 -10.07
C MET D 444 4.78 -39.47 -9.12
N LEU D 445 4.73 -40.43 -8.19
CA LEU D 445 5.88 -40.67 -7.30
C LEU D 445 7.12 -41.09 -8.08
N SER D 446 6.92 -41.85 -9.18
CA SER D 446 8.06 -42.24 -10.00
C SER D 446 8.68 -41.01 -10.68
N GLU D 447 7.84 -40.13 -11.22
CA GLU D 447 8.35 -38.95 -11.93
C GLU D 447 8.99 -37.94 -10.97
N LEU D 448 8.38 -37.72 -9.81
CA LEU D 448 8.99 -36.86 -8.80
C LEU D 448 10.36 -37.39 -8.38
N SER D 449 10.48 -38.70 -8.21
CA SER D 449 11.76 -39.30 -7.86
C SER D 449 12.82 -39.07 -8.95
N THR D 450 12.40 -39.15 -10.21
CA THR D 450 13.31 -38.87 -11.32
C THR D 450 13.74 -37.41 -11.33
N VAL D 451 12.83 -36.48 -11.04
CA VAL D 451 13.14 -35.06 -11.14
C VAL D 451 14.01 -34.63 -9.96
N MET D 452 13.64 -35.03 -8.74
CA MET D 452 14.35 -34.67 -7.52
C MET D 452 15.61 -35.50 -7.28
N ASN D 453 15.93 -36.43 -8.18
CA ASN D 453 16.98 -37.44 -8.00
C ASN D 453 17.03 -37.93 -6.56
N GLU D 454 15.91 -38.51 -6.16
CA GLU D 454 15.73 -38.89 -4.77
C GLU D 454 14.52 -39.81 -4.76
N GLN D 455 14.63 -40.99 -4.15
CA GLN D 455 13.56 -41.98 -4.23
C GLN D 455 12.45 -41.57 -3.25
N ILE D 456 11.28 -41.25 -3.81
CA ILE D 456 10.14 -40.77 -3.04
C ILE D 456 9.19 -41.93 -2.82
N THR D 457 8.97 -42.27 -1.54
CA THR D 457 8.18 -43.42 -1.12
C THR D 457 6.73 -43.07 -0.81
N GLY D 458 6.50 -42.00 -0.05
CA GLY D 458 5.17 -41.59 0.33
C GLY D 458 4.68 -42.24 1.61
C1 GOL E . 30.11 9.02 11.89
O1 GOL E . 28.79 8.73 11.53
C2 GOL E . 31.13 8.49 10.77
O2 GOL E . 31.55 7.15 10.94
C3 GOL E . 32.33 9.54 10.71
O3 GOL E . 32.37 10.27 11.94
C1 GOL F . -23.10 12.13 14.24
O1 GOL F . -22.58 11.38 15.28
C2 GOL F . -22.41 11.63 12.95
O2 GOL F . -21.31 10.82 13.23
C3 GOL F . -22.02 12.93 12.18
O3 GOL F . -23.18 13.43 11.55
C1 GOL G . -17.17 11.03 15.86
O1 GOL G . -16.84 9.90 16.62
C2 GOL G . -17.92 12.00 16.81
O2 GOL G . -17.14 12.38 17.89
C3 GOL G . -18.37 13.21 15.93
O3 GOL G . -19.60 12.86 15.33
#